data_5ETA
#
_entry.id   5ETA
#
_cell.length_a   52.091
_cell.length_b   61.900
_cell.length_c   75.671
_cell.angle_alpha   105.62
_cell.angle_beta   96.31
_cell.angle_gamma   114.65
#
_symmetry.space_group_name_H-M   'P 1'
#
loop_
_entity.id
_entity.type
_entity.pdbx_description
1 polymer 'Mitogen-activated protein kinase 14'
2 polymer 'Putative transmembrane protein'
3 water water
#
loop_
_entity_poly.entity_id
_entity_poly.type
_entity_poly.pdbx_seq_one_letter_code
_entity_poly.pdbx_strand_id
1 'polypeptide(L)'
;MSQERPTFYRQELNKTIWEVPERYQNLSPVGSGAYGSVCAAFDTKTGLRVAVKKLSRPFQSIIHAKRTYRELRLLKHMKH
ENVIGLLDVFTPARSLEEFNDVYLVTHLMGADLNNIVKCQKLTDDHVQFLIYQILRGLKYIHSADIIHRDLKPSNLAVNE
DCELKILDFGLARHTDDEMTGYVATRWYRAPEIMLNWMHYNQTVDIWSVGCIMAELLTGRTLFPGTDHIDQLKLILRLVG
TPGAELLKKISSESARNYIQSLTQMPKMNFANVFIGANPLAVDLLEKMLVLDSDKRITAAQALAHAYFAQYHDPDDEPVA
DPYDQSFESRDLLIDEWKSLTYDEVISFVPPPLDQEEMES
;
B,A
2 'polypeptide(L)' GLLERRGVSELPPLYI D,C
#
# COMPACT_ATOMS: atom_id res chain seq x y z
N GLU A 4 -24.04 37.65 -2.12
CA GLU A 4 -24.18 36.88 -0.90
C GLU A 4 -22.89 36.18 -0.53
N ARG A 5 -22.41 36.38 0.70
CA ARG A 5 -21.21 35.71 1.17
C ARG A 5 -21.59 34.63 2.16
N PRO A 6 -21.12 33.39 2.00
CA PRO A 6 -21.49 32.34 2.95
C PRO A 6 -20.78 32.52 4.28
N THR A 7 -21.31 31.84 5.29
CA THR A 7 -20.76 31.91 6.64
C THR A 7 -19.70 30.83 6.80
N PHE A 8 -18.50 31.23 7.21
CA PHE A 8 -17.46 30.24 7.44
C PHE A 8 -17.39 29.94 8.93
N TYR A 9 -16.80 28.80 9.26
CA TYR A 9 -16.40 28.50 10.62
C TYR A 9 -14.96 28.00 10.62
N ARG A 10 -14.37 27.92 11.81
CA ARG A 10 -12.95 27.60 11.96
C ARG A 10 -12.76 26.39 12.87
N GLN A 11 -11.96 25.43 12.39
CA GLN A 11 -11.48 24.30 13.17
C GLN A 11 -10.02 24.06 12.82
N GLU A 12 -9.42 23.06 13.45
CA GLU A 12 -7.99 22.84 13.33
C GLU A 12 -7.74 21.43 12.83
N LEU A 13 -6.97 21.31 11.75
CA LEU A 13 -6.77 20.05 11.05
C LEU A 13 -5.37 20.00 10.46
N ASN A 14 -4.62 18.96 10.81
CA ASN A 14 -3.47 18.51 10.00
C ASN A 14 -2.10 19.25 10.12
N LYS A 15 -1.74 19.93 11.21
CA LYS A 15 -2.60 20.60 12.19
C LYS A 15 -2.43 22.10 11.99
N THR A 16 -3.38 22.69 11.28
CA THR A 16 -3.44 24.13 11.05
C THR A 16 -4.90 24.53 11.19
N ILE A 17 -5.21 25.79 10.92
CA ILE A 17 -6.59 26.27 11.01
C ILE A 17 -7.18 26.25 9.61
N TRP A 18 -8.22 25.44 9.44
CA TRP A 18 -9.04 25.44 8.25
C TRP A 18 -10.28 26.28 8.50
N GLU A 19 -10.56 27.21 7.59
CA GLU A 19 -11.75 28.04 7.66
C GLU A 19 -12.53 27.83 6.37
N VAL A 20 -13.70 27.22 6.47
CA VAL A 20 -14.47 26.83 5.29
C VAL A 20 -15.91 27.26 5.49
N PRO A 21 -16.69 27.35 4.40
CA PRO A 21 -18.13 27.58 4.56
C PRO A 21 -18.82 26.40 5.24
N GLU A 22 -19.90 26.73 5.96
CA GLU A 22 -20.60 25.74 6.78
C GLU A 22 -21.27 24.63 5.98
N ARG A 23 -21.45 24.77 4.67
CA ARG A 23 -21.98 23.66 3.89
C ARG A 23 -21.12 22.40 4.03
N TYR A 24 -19.85 22.56 4.39
CA TYR A 24 -18.91 21.45 4.47
C TYR A 24 -18.75 21.06 5.93
N GLN A 25 -19.10 19.81 6.24
CA GLN A 25 -19.13 19.31 7.60
C GLN A 25 -18.35 18.00 7.68
N ASN A 26 -18.04 17.59 8.90
CA ASN A 26 -17.41 16.30 9.15
C ASN A 26 -16.10 16.17 8.39
N LEU A 27 -15.27 17.20 8.48
CA LEU A 27 -13.96 17.17 7.83
C LEU A 27 -13.05 16.18 8.53
N SER A 28 -12.38 15.34 7.73
CA SER A 28 -11.38 14.43 8.26
C SER A 28 -10.17 14.47 7.33
N PRO A 29 -8.94 14.52 7.86
CA PRO A 29 -7.78 14.63 6.97
C PRO A 29 -7.48 13.32 6.27
N VAL A 30 -7.26 13.39 4.96
CA VAL A 30 -6.92 12.21 4.16
C VAL A 30 -5.45 12.18 3.77
N GLY A 31 -4.67 13.15 4.24
CA GLY A 31 -3.24 13.18 3.97
C GLY A 31 -2.81 14.41 3.20
N SER A 32 -1.52 14.75 3.31
CA SER A 32 -0.99 15.99 2.76
C SER A 32 0.27 15.71 1.95
N GLY A 33 1.02 16.76 1.63
CA GLY A 33 2.30 16.56 0.94
C GLY A 33 2.88 17.88 0.44
N ALA A 34 3.69 17.78 -0.60
CA ALA A 34 4.34 18.92 -1.22
C ALA A 34 3.40 19.72 -2.13
N TYR A 35 2.11 19.41 -2.10
CA TYR A 35 1.12 20.03 -2.98
C TYR A 35 0.14 20.90 -2.20
N GLY A 36 -0.53 20.34 -1.20
CA GLY A 36 -1.46 21.05 -0.37
C GLY A 36 -2.15 20.05 0.53
N SER A 37 -2.59 20.47 1.72
CA SER A 37 -3.27 19.52 2.59
C SER A 37 -4.68 19.25 2.07
N VAL A 38 -5.17 18.05 2.34
CA VAL A 38 -6.46 17.60 1.84
C VAL A 38 -7.25 16.99 2.99
N CYS A 39 -8.49 17.43 3.14
CA CYS A 39 -9.43 16.79 4.04
C CYS A 39 -10.62 16.28 3.25
N ALA A 40 -11.15 15.14 3.66
CA ALA A 40 -12.46 14.70 3.21
C ALA A 40 -13.54 15.38 4.03
N ALA A 41 -14.65 15.70 3.38
CA ALA A 41 -15.75 16.39 4.04
C ALA A 41 -17.05 15.91 3.43
N PHE A 42 -18.15 16.16 4.14
CA PHE A 42 -19.48 15.88 3.64
C PHE A 42 -20.10 17.19 3.20
N ASP A 43 -20.43 17.28 1.92
CA ASP A 43 -21.06 18.47 1.37
C ASP A 43 -22.57 18.41 1.63
N THR A 44 -23.06 19.34 2.43
CA THR A 44 -24.48 19.35 2.79
C THR A 44 -25.37 19.88 1.68
N LYS A 45 -24.80 20.62 0.73
CA LYS A 45 -25.57 21.10 -0.41
C LYS A 45 -25.91 19.97 -1.38
N THR A 46 -24.92 19.14 -1.71
CA THR A 46 -25.11 18.05 -2.66
C THR A 46 -25.26 16.70 -1.96
N GLY A 47 -25.09 16.66 -0.63
CA GLY A 47 -25.19 15.44 0.11
C GLY A 47 -24.19 14.38 -0.28
N LEU A 48 -23.05 14.77 -0.84
CA LEU A 48 -22.01 13.82 -1.23
C LEU A 48 -20.77 14.07 -0.40
N ARG A 49 -19.88 13.07 -0.37
CA ARG A 49 -18.58 13.20 0.25
C ARG A 49 -17.58 13.76 -0.75
N VAL A 50 -16.81 14.76 -0.34
CA VAL A 50 -16.01 15.58 -1.25
C VAL A 50 -14.58 15.67 -0.71
N ALA A 51 -13.66 16.05 -1.60
CA ALA A 51 -12.27 16.29 -1.25
C ALA A 51 -12.05 17.80 -1.20
N VAL A 52 -11.43 18.29 -0.12
CA VAL A 52 -11.18 19.71 0.06
C VAL A 52 -9.67 19.93 0.15
N LYS A 53 -9.16 20.73 -0.78
CA LYS A 53 -7.72 20.99 -0.88
C LYS A 53 -7.41 22.44 -0.53
N LYS A 54 -6.46 22.63 0.39
CA LYS A 54 -6.09 23.95 0.90
C LYS A 54 -4.71 24.31 0.35
N LEU A 55 -4.66 25.36 -0.48
CA LEU A 55 -3.41 25.88 -1.01
C LEU A 55 -2.96 27.03 -0.12
N SER A 56 -1.91 26.80 0.68
CA SER A 56 -1.42 27.82 1.59
C SER A 56 -0.17 28.54 1.09
N ARG A 57 0.42 28.10 -0.02
CA ARG A 57 1.55 28.81 -0.62
C ARG A 57 1.27 29.07 -2.10
N PRO A 58 0.06 29.52 -2.44
CA PRO A 58 -0.23 29.69 -3.87
C PRO A 58 0.56 30.80 -4.54
N PHE A 59 0.85 31.91 -3.85
CA PHE A 59 1.49 33.04 -4.54
C PHE A 59 2.89 33.30 -4.02
N GLN A 60 3.50 32.32 -3.36
CA GLN A 60 4.83 32.50 -2.76
C GLN A 60 5.83 33.06 -3.76
N SER A 61 5.67 32.77 -5.04
CA SER A 61 6.57 33.31 -6.06
C SER A 61 5.84 33.32 -7.40
N ILE A 62 6.55 33.79 -8.43
CA ILE A 62 5.99 33.79 -9.78
C ILE A 62 5.66 32.37 -10.22
N ILE A 63 6.61 31.45 -10.05
CA ILE A 63 6.37 30.06 -10.41
C ILE A 63 5.10 29.54 -9.73
N HIS A 64 5.03 29.68 -8.40
CA HIS A 64 3.84 29.24 -7.69
C HIS A 64 2.58 29.96 -8.17
N ALA A 65 2.66 31.28 -8.32
CA ALA A 65 1.46 32.06 -8.63
C ALA A 65 0.91 31.68 -10.00
N LYS A 66 1.77 31.61 -11.00
CA LYS A 66 1.30 31.24 -12.34
C LYS A 66 0.73 29.82 -12.33
N ARG A 67 1.39 28.91 -11.60
CA ARG A 67 0.87 27.55 -11.48
C ARG A 67 -0.55 27.56 -10.94
N THR A 68 -0.78 28.34 -9.88
CA THR A 68 -2.11 28.41 -9.29
C THR A 68 -3.14 28.86 -10.31
N TYR A 69 -2.86 29.96 -11.00
CA TYR A 69 -3.77 30.44 -12.03
C TYR A 69 -3.96 29.40 -13.13
N ARG A 70 -2.88 28.70 -13.49
CA ARG A 70 -2.98 27.69 -14.55
C ARG A 70 -3.95 26.59 -14.16
N GLU A 71 -3.74 25.99 -12.98
CA GLU A 71 -4.60 24.89 -12.55
C GLU A 71 -6.05 25.33 -12.43
N LEU A 72 -6.27 26.50 -11.84
CA LEU A 72 -7.64 26.96 -11.60
C LEU A 72 -8.39 27.19 -12.91
N ARG A 73 -7.74 27.88 -13.86
CA ARG A 73 -8.33 28.01 -15.19
C ARG A 73 -8.71 26.66 -15.78
N LEU A 74 -7.80 25.69 -15.66
CA LEU A 74 -8.04 24.39 -16.27
C LEU A 74 -9.21 23.68 -15.62
N LEU A 75 -9.21 23.59 -14.28
CA LEU A 75 -10.28 22.88 -13.60
C LEU A 75 -11.64 23.50 -13.89
N LYS A 76 -11.73 24.83 -13.90
CA LYS A 76 -13.00 25.45 -14.24
C LYS A 76 -13.45 25.08 -15.65
N HIS A 77 -12.49 24.80 -16.54
CA HIS A 77 -12.81 24.51 -17.93
C HIS A 77 -13.18 23.05 -18.16
N MET A 78 -12.74 22.14 -17.29
CA MET A 78 -12.96 20.72 -17.48
C MET A 78 -14.38 20.35 -17.10
N LYS A 79 -15.18 19.97 -18.11
CA LYS A 79 -16.53 19.44 -17.87
C LYS A 79 -16.72 18.26 -18.82
N HIS A 80 -16.53 17.06 -18.28
CA HIS A 80 -16.66 15.83 -19.06
C HIS A 80 -17.00 14.71 -18.09
N GLU A 81 -17.73 13.72 -18.60
CA GLU A 81 -18.26 12.67 -17.74
C GLU A 81 -17.14 11.87 -17.10
N ASN A 82 -16.02 11.72 -17.79
CA ASN A 82 -14.88 10.92 -17.35
C ASN A 82 -13.73 11.75 -16.79
N VAL A 83 -13.94 13.04 -16.55
CA VAL A 83 -12.89 13.90 -16.03
C VAL A 83 -13.39 14.60 -14.78
N ILE A 84 -12.51 14.75 -13.79
CA ILE A 84 -12.86 15.48 -12.59
C ILE A 84 -13.30 16.88 -12.97
N GLY A 85 -14.29 17.40 -12.26
CA GLY A 85 -14.74 18.76 -12.47
C GLY A 85 -14.65 19.53 -11.17
N LEU A 86 -14.63 20.85 -11.25
CA LEU A 86 -14.41 21.68 -10.08
C LEU A 86 -15.76 21.99 -9.46
N LEU A 87 -16.00 21.44 -8.27
CA LEU A 87 -17.31 21.54 -7.64
C LEU A 87 -17.47 22.88 -6.90
N ASP A 88 -16.40 23.39 -6.30
CA ASP A 88 -16.43 24.71 -5.70
C ASP A 88 -14.99 25.18 -5.47
N VAL A 89 -14.85 26.50 -5.38
CA VAL A 89 -13.60 27.15 -5.01
C VAL A 89 -13.93 28.35 -4.13
N PHE A 90 -13.16 28.54 -3.07
CA PHE A 90 -13.48 29.61 -2.13
C PHE A 90 -12.22 30.05 -1.38
N THR A 91 -12.31 31.24 -0.79
CA THR A 91 -11.29 31.77 0.10
C THR A 91 -11.97 32.52 1.24
N PRO A 92 -11.44 32.43 2.47
CA PRO A 92 -11.98 33.29 3.54
C PRO A 92 -11.64 34.74 3.36
N ALA A 93 -10.64 35.06 2.54
CA ALA A 93 -10.18 36.43 2.40
C ALA A 93 -11.27 37.29 1.78
N ARG A 94 -11.53 38.43 2.39
CA ARG A 94 -12.63 39.31 2.02
C ARG A 94 -12.25 40.35 0.98
N SER A 95 -10.96 40.45 0.65
CA SER A 95 -10.48 41.42 -0.34
C SER A 95 -9.17 40.92 -0.88
N LEU A 96 -8.84 41.35 -2.10
CA LEU A 96 -7.56 41.00 -2.69
C LEU A 96 -6.41 41.37 -1.75
N GLU A 97 -6.63 42.38 -0.90
CA GLU A 97 -5.61 42.80 0.05
C GLU A 97 -5.19 41.65 0.97
N GLU A 98 -6.15 41.00 1.62
CA GLU A 98 -5.88 39.94 2.57
C GLU A 98 -5.88 38.55 1.92
N PHE A 99 -5.76 38.48 0.59
CA PHE A 99 -5.93 37.23 -0.13
C PHE A 99 -4.68 36.37 0.11
N ASN A 100 -4.86 35.17 0.64
CA ASN A 100 -3.78 34.19 0.53
C ASN A 100 -4.29 32.80 0.15
N ASP A 101 -5.03 32.18 1.06
CA ASP A 101 -5.34 30.76 0.94
C ASP A 101 -6.47 30.52 -0.05
N VAL A 102 -6.31 29.44 -0.83
CA VAL A 102 -7.28 29.01 -1.83
C VAL A 102 -7.67 27.59 -1.50
N TYR A 103 -8.98 27.32 -1.40
CA TYR A 103 -9.40 25.93 -1.26
C TYR A 103 -10.17 25.48 -2.49
N LEU A 104 -9.89 24.26 -2.93
CA LEU A 104 -10.55 23.62 -4.07
C LEU A 104 -11.29 22.39 -3.55
N VAL A 105 -12.55 22.21 -3.96
CA VAL A 105 -13.33 21.04 -3.56
C VAL A 105 -13.68 20.23 -4.80
N THR A 106 -13.61 18.91 -4.67
CA THR A 106 -13.92 18.00 -5.76
C THR A 106 -14.74 16.83 -5.23
N HIS A 107 -15.57 16.26 -6.12
CA HIS A 107 -16.33 15.07 -5.80
C HIS A 107 -15.41 13.86 -5.63
N LEU A 108 -15.62 13.10 -4.54
CA LEU A 108 -14.90 11.85 -4.33
C LEU A 108 -15.75 10.69 -4.84
N MET A 109 -15.31 10.08 -5.94
CA MET A 109 -15.87 8.81 -6.34
C MET A 109 -15.29 7.70 -5.47
N GLY A 110 -15.97 6.55 -5.50
CA GLY A 110 -15.83 5.53 -4.48
C GLY A 110 -14.41 5.29 -4.01
N ALA A 111 -13.50 5.00 -4.93
CA ALA A 111 -12.16 4.60 -4.55
C ALA A 111 -11.18 4.92 -5.66
N ASP A 112 -9.92 4.99 -5.26
CA ASP A 112 -8.80 5.04 -6.19
C ASP A 112 -8.49 3.67 -6.77
N LEU A 113 -7.97 3.67 -8.00
CA LEU A 113 -7.83 2.41 -8.73
C LEU A 113 -6.60 1.64 -8.28
N ASN A 114 -5.54 2.31 -7.84
CA ASN A 114 -4.45 1.64 -7.14
C ASN A 114 -5.00 0.78 -6.02
N ASN A 115 -5.88 1.36 -5.18
CA ASN A 115 -6.45 0.62 -4.08
C ASN A 115 -7.36 -0.51 -4.58
N ILE A 116 -8.13 -0.26 -5.64
CA ILE A 116 -9.05 -1.26 -6.17
C ILE A 116 -8.30 -2.50 -6.64
N VAL A 117 -7.24 -2.32 -7.44
CA VAL A 117 -6.61 -3.47 -8.08
C VAL A 117 -5.99 -4.42 -7.07
N LYS A 118 -5.71 -3.96 -5.85
CA LYS A 118 -5.38 -4.89 -4.78
C LYS A 118 -6.59 -5.75 -4.44
N CYS A 119 -7.71 -5.09 -4.10
CA CYS A 119 -8.90 -5.75 -3.57
C CYS A 119 -9.61 -6.65 -4.58
N GLN A 120 -9.28 -6.57 -5.87
CA GLN A 120 -9.91 -7.44 -6.85
C GLN A 120 -8.98 -7.79 -8.00
N LYS A 121 -9.23 -8.95 -8.58
CA LYS A 121 -8.75 -9.29 -9.91
C LYS A 121 -9.82 -8.82 -10.89
N LEU A 122 -9.42 -8.04 -11.88
CA LEU A 122 -10.38 -7.42 -12.79
C LEU A 122 -10.64 -8.32 -13.99
N THR A 123 -11.91 -8.47 -14.33
CA THR A 123 -12.29 -9.22 -15.52
C THR A 123 -11.96 -8.39 -16.76
N ASP A 124 -11.86 -9.07 -17.90
CA ASP A 124 -11.66 -8.34 -19.16
C ASP A 124 -12.79 -7.37 -19.41
N ASP A 125 -14.00 -7.73 -18.99
CA ASP A 125 -15.14 -6.83 -19.13
C ASP A 125 -14.96 -5.57 -18.28
N HIS A 126 -14.21 -5.66 -17.18
CA HIS A 126 -13.87 -4.46 -16.41
C HIS A 126 -12.82 -3.62 -17.14
N VAL A 127 -11.67 -4.22 -17.44
CA VAL A 127 -10.58 -3.49 -18.10
C VAL A 127 -11.10 -2.77 -19.33
N GLN A 128 -11.85 -3.49 -20.18
CA GLN A 128 -12.42 -2.91 -21.39
C GLN A 128 -13.14 -1.60 -21.08
N PHE A 129 -14.16 -1.66 -20.22
CA PHE A 129 -14.90 -0.45 -19.89
C PHE A 129 -14.02 0.58 -19.19
N LEU A 130 -13.05 0.14 -18.40
CA LEU A 130 -12.17 1.09 -17.72
C LEU A 130 -11.28 1.84 -18.72
N ILE A 131 -10.60 1.11 -19.60
CA ILE A 131 -9.71 1.76 -20.56
C ILE A 131 -10.49 2.64 -21.52
N TYR A 132 -11.71 2.26 -21.86
CA TYR A 132 -12.52 3.06 -22.78
C TYR A 132 -12.76 4.45 -22.22
N GLN A 133 -12.99 4.57 -20.92
CA GLN A 133 -13.36 5.85 -20.34
C GLN A 133 -12.14 6.76 -20.19
N ILE A 134 -10.99 6.18 -19.86
CA ILE A 134 -9.76 6.96 -19.81
C ILE A 134 -9.52 7.63 -21.14
N LEU A 135 -9.60 6.84 -22.21
CA LEU A 135 -9.45 7.39 -23.56
C LEU A 135 -10.54 8.41 -23.87
N ARG A 136 -11.77 8.12 -23.45
CA ARG A 136 -12.88 9.04 -23.74
C ARG A 136 -12.68 10.37 -23.03
N GLY A 137 -12.17 10.34 -21.80
CA GLY A 137 -11.83 11.56 -21.09
C GLY A 137 -10.54 12.17 -21.60
N LEU A 138 -9.60 11.31 -21.98
CA LEU A 138 -8.31 11.78 -22.48
C LEU A 138 -8.50 12.51 -23.81
N LYS A 139 -9.32 11.96 -24.71
CA LYS A 139 -9.68 12.66 -25.93
C LYS A 139 -10.12 14.08 -25.65
N TYR A 140 -10.96 14.25 -24.61
CA TYR A 140 -11.47 15.56 -24.25
C TYR A 140 -10.37 16.45 -23.68
N ILE A 141 -9.47 15.87 -22.89
CA ILE A 141 -8.34 16.64 -22.35
C ILE A 141 -7.44 17.12 -23.49
N HIS A 142 -7.10 16.22 -24.42
CA HIS A 142 -6.22 16.60 -25.52
C HIS A 142 -6.89 17.59 -26.46
N SER A 143 -8.21 17.53 -26.60
CA SER A 143 -8.90 18.47 -27.48
C SER A 143 -8.81 19.91 -26.98
N ALA A 144 -8.53 20.10 -25.69
CA ALA A 144 -8.30 21.42 -25.13
C ALA A 144 -6.84 21.86 -25.26
N ASP A 145 -6.01 21.07 -25.95
CA ASP A 145 -4.59 21.37 -26.10
C ASP A 145 -3.88 21.28 -24.74
N ILE A 146 -4.32 20.33 -23.92
CA ILE A 146 -3.74 20.06 -22.61
C ILE A 146 -3.08 18.70 -22.63
N ILE A 147 -2.01 18.57 -21.83
CA ILE A 147 -1.37 17.29 -21.55
C ILE A 147 -1.47 17.05 -20.04
N HIS A 148 -2.03 15.90 -19.67
CA HIS A 148 -2.18 15.56 -18.27
C HIS A 148 -0.83 15.41 -17.59
N ARG A 149 0.08 14.67 -18.23
CA ARG A 149 1.47 14.49 -17.78
C ARG A 149 1.67 13.59 -16.55
N ASP A 150 0.61 13.24 -15.83
CA ASP A 150 0.72 12.47 -14.60
C ASP A 150 -0.51 11.57 -14.54
N LEU A 151 -0.54 10.55 -15.39
CA LEU A 151 -1.53 9.48 -15.30
C LEU A 151 -0.98 8.36 -14.42
N LYS A 152 -1.68 8.10 -13.33
CA LYS A 152 -1.33 7.06 -12.38
C LYS A 152 -2.62 6.39 -11.93
N PRO A 153 -2.56 5.14 -11.46
CA PRO A 153 -3.76 4.54 -10.87
C PRO A 153 -4.26 5.39 -9.71
N SER A 154 -3.33 5.95 -8.93
CA SER A 154 -3.69 6.84 -7.83
C SER A 154 -4.52 8.03 -8.31
N ASN A 155 -4.45 8.35 -9.60
CA ASN A 155 -5.13 9.50 -10.16
C ASN A 155 -6.40 9.13 -10.93
N LEU A 156 -6.84 7.88 -10.85
CA LEU A 156 -8.06 7.42 -11.52
C LEU A 156 -9.06 7.00 -10.46
N ALA A 157 -10.10 7.79 -10.28
CA ALA A 157 -11.16 7.43 -9.35
C ALA A 157 -12.16 6.50 -10.03
N VAL A 158 -12.64 5.52 -9.28
CA VAL A 158 -13.61 4.56 -9.78
C VAL A 158 -14.60 4.27 -8.65
N ASN A 159 -15.84 3.98 -9.02
CA ASN A 159 -16.89 3.70 -8.06
C ASN A 159 -17.40 2.27 -8.22
N GLU A 160 -18.43 1.94 -7.45
CA GLU A 160 -18.90 0.57 -7.35
C GLU A 160 -19.64 0.10 -8.60
N ASP A 161 -19.92 0.98 -9.55
CA ASP A 161 -20.45 0.57 -10.84
C ASP A 161 -19.38 0.54 -11.92
N CYS A 162 -18.11 0.69 -11.54
CA CYS A 162 -16.98 0.68 -12.47
C CYS A 162 -16.96 1.90 -13.38
N GLU A 163 -17.60 2.99 -12.95
CA GLU A 163 -17.49 4.26 -13.66
C GLU A 163 -16.22 4.97 -13.21
N LEU A 164 -15.57 5.68 -14.14
CA LEU A 164 -14.25 6.26 -13.90
C LEU A 164 -14.22 7.73 -14.24
N LYS A 165 -13.31 8.45 -13.59
CA LYS A 165 -13.01 9.83 -13.90
C LYS A 165 -11.52 10.06 -13.78
N ILE A 166 -10.97 10.86 -14.68
CA ILE A 166 -9.58 11.32 -14.57
C ILE A 166 -9.56 12.53 -13.65
N LEU A 167 -8.61 12.54 -12.71
CA LEU A 167 -8.50 13.62 -11.75
C LEU A 167 -7.04 13.96 -11.49
N ASP A 168 -6.84 15.04 -10.72
CA ASP A 168 -5.52 15.41 -10.21
C ASP A 168 -4.52 15.60 -11.34
N PHE A 169 -4.58 16.73 -12.04
CA PHE A 169 -3.67 16.87 -13.16
C PHE A 169 -2.28 17.27 -12.68
N GLY A 170 -1.30 17.04 -13.55
CA GLY A 170 0.08 17.36 -13.26
C GLY A 170 0.41 18.82 -13.41
N ARG A 186 6.31 7.07 -10.23
CA ARG A 186 7.12 7.56 -11.34
C ARG A 186 7.34 6.43 -12.34
N TRP A 187 6.51 5.40 -12.25
CA TRP A 187 6.65 4.20 -13.07
C TRP A 187 5.92 4.24 -14.40
N TYR A 188 4.98 5.16 -14.60
CA TYR A 188 4.12 5.05 -15.77
C TYR A 188 4.47 6.09 -16.83
N ARG A 189 5.61 6.76 -16.68
CA ARG A 189 5.91 7.98 -17.43
C ARG A 189 6.77 7.67 -18.65
N ALA A 190 6.38 8.23 -19.79
CA ALA A 190 7.01 7.90 -21.07
C ALA A 190 8.52 8.14 -21.04
N PRO A 191 9.29 7.32 -21.77
CA PRO A 191 10.75 7.52 -21.79
C PRO A 191 11.19 8.91 -22.23
N GLU A 192 10.58 9.45 -23.30
CA GLU A 192 11.08 10.69 -23.89
C GLU A 192 11.10 11.85 -22.90
N ILE A 193 10.35 11.77 -21.80
CA ILE A 193 10.46 12.79 -20.77
C ILE A 193 11.68 12.56 -19.90
N MET A 194 11.83 11.36 -19.33
CA MET A 194 12.91 11.14 -18.37
C MET A 194 14.26 11.53 -18.95
N LEU A 195 14.42 11.46 -20.26
CA LEU A 195 15.71 11.71 -20.90
C LEU A 195 15.82 13.08 -21.55
N ASN A 196 14.79 13.91 -21.46
CA ASN A 196 14.81 15.25 -22.05
C ASN A 196 15.29 15.19 -23.50
N TRP A 197 14.70 14.26 -24.26
CA TRP A 197 15.08 14.09 -25.66
C TRP A 197 14.68 15.28 -26.52
N MET A 198 13.43 15.70 -26.40
CA MET A 198 12.65 16.10 -27.56
C MET A 198 11.55 17.04 -27.10
N HIS A 199 10.71 17.46 -28.04
CA HIS A 199 9.45 18.10 -27.70
C HIS A 199 8.42 17.02 -27.41
N TYR A 200 7.91 16.97 -26.17
CA TYR A 200 7.03 15.90 -25.75
C TYR A 200 5.59 16.28 -26.09
N ASN A 201 4.93 15.44 -26.87
CA ASN A 201 3.58 15.73 -27.34
C ASN A 201 2.55 14.93 -26.54
N GLN A 202 1.29 14.99 -26.98
CA GLN A 202 0.19 14.45 -26.20
C GLN A 202 0.24 12.93 -26.08
N THR A 203 0.95 12.24 -26.98
CA THR A 203 1.06 10.80 -26.88
C THR A 203 1.78 10.34 -25.62
N VAL A 204 2.33 11.27 -24.82
CA VAL A 204 2.90 10.91 -23.54
C VAL A 204 1.86 10.35 -22.59
N ASP A 205 0.61 10.83 -22.71
CA ASP A 205 -0.45 10.26 -21.89
C ASP A 205 -0.88 8.88 -22.40
N ILE A 206 -0.74 8.62 -23.70
CA ILE A 206 -1.06 7.30 -24.22
C ILE A 206 -0.08 6.25 -23.72
N TRP A 207 1.18 6.63 -23.51
CA TRP A 207 2.13 5.71 -22.90
C TRP A 207 1.63 5.25 -21.53
N SER A 208 1.25 6.21 -20.69
CA SER A 208 0.74 5.87 -19.36
C SER A 208 -0.48 4.96 -19.44
N VAL A 209 -1.40 5.28 -20.34
CA VAL A 209 -2.56 4.41 -20.55
C VAL A 209 -2.12 2.99 -20.91
N GLY A 210 -1.04 2.87 -21.68
CA GLY A 210 -0.54 1.55 -22.00
C GLY A 210 0.01 0.81 -20.81
N CYS A 211 0.77 1.51 -19.96
CA CYS A 211 1.24 0.91 -18.72
C CYS A 211 0.08 0.52 -17.82
N ILE A 212 -0.94 1.39 -17.72
CA ILE A 212 -2.07 1.11 -16.85
C ILE A 212 -2.85 -0.09 -17.35
N MET A 213 -3.08 -0.16 -18.67
CA MET A 213 -3.84 -1.29 -19.22
C MET A 213 -3.13 -2.62 -18.95
N ALA A 214 -1.81 -2.64 -19.05
CA ALA A 214 -1.06 -3.85 -18.76
C ALA A 214 -1.30 -4.30 -17.31
N GLU A 215 -1.14 -3.37 -16.37
CA GLU A 215 -1.25 -3.71 -14.96
C GLU A 215 -2.65 -4.23 -14.62
N LEU A 216 -3.68 -3.60 -15.19
CA LEU A 216 -5.05 -4.07 -14.99
C LEU A 216 -5.22 -5.53 -15.41
N LEU A 217 -4.64 -5.90 -16.56
CA LEU A 217 -4.83 -7.26 -17.05
C LEU A 217 -4.09 -8.27 -16.18
N THR A 218 -2.79 -8.03 -15.95
CA THR A 218 -1.94 -9.01 -15.28
C THR A 218 -1.98 -8.90 -13.77
N GLY A 219 -2.43 -7.77 -13.22
CA GLY A 219 -2.38 -7.55 -11.79
C GLY A 219 -1.02 -7.20 -11.22
N ARG A 220 0.03 -7.11 -12.05
CA ARG A 220 1.35 -6.71 -11.57
C ARG A 220 1.84 -5.50 -12.37
N THR A 221 2.67 -4.70 -11.71
CA THR A 221 3.24 -3.50 -12.30
C THR A 221 4.19 -3.86 -13.44
N LEU A 222 4.02 -3.18 -14.57
CA LEU A 222 4.70 -3.58 -15.81
C LEU A 222 6.17 -3.16 -15.83
N PHE A 223 6.48 -1.95 -15.39
CA PHE A 223 7.86 -1.46 -15.34
C PHE A 223 8.16 -0.90 -13.96
N PRO A 224 8.41 -1.84 -12.88
CA PRO A 224 8.67 -1.33 -11.51
C PRO A 224 10.12 -0.88 -11.36
N GLY A 225 10.44 0.26 -11.96
CA GLY A 225 11.80 0.75 -11.91
C GLY A 225 12.13 1.36 -10.56
N THR A 226 13.34 1.05 -10.07
CA THR A 226 13.81 1.56 -8.78
C THR A 226 14.62 2.83 -9.05
N ASP A 227 15.74 2.68 -9.73
CA ASP A 227 16.51 3.82 -10.20
C ASP A 227 15.95 4.34 -11.52
N HIS A 228 16.35 5.57 -11.87
CA HIS A 228 16.04 6.10 -13.18
C HIS A 228 16.55 5.17 -14.28
N ILE A 229 17.79 4.69 -14.13
CA ILE A 229 18.35 3.77 -15.12
C ILE A 229 17.58 2.45 -15.09
N ASP A 230 17.39 1.89 -13.89
CA ASP A 230 16.63 0.64 -13.77
C ASP A 230 15.31 0.75 -14.52
N GLN A 231 14.53 1.80 -14.24
CA GLN A 231 13.26 2.00 -14.93
C GLN A 231 13.45 1.91 -16.44
N LEU A 232 14.45 2.62 -16.96
CA LEU A 232 14.69 2.62 -18.40
C LEU A 232 15.05 1.22 -18.88
N LYS A 233 15.98 0.56 -18.18
CA LYS A 233 16.36 -0.81 -18.52
C LYS A 233 15.14 -1.68 -18.73
N LEU A 234 14.27 -1.73 -17.71
CA LEU A 234 13.12 -2.62 -17.76
C LEU A 234 12.29 -2.37 -19.01
N ILE A 235 12.21 -1.11 -19.44
CA ILE A 235 11.41 -0.76 -20.61
C ILE A 235 12.04 -1.30 -21.89
N LEU A 236 13.34 -1.08 -22.09
CA LEU A 236 13.95 -1.47 -23.35
C LEU A 236 13.91 -2.97 -23.57
N ARG A 237 14.12 -3.76 -22.52
CA ARG A 237 14.04 -5.21 -22.68
C ARG A 237 12.71 -5.65 -23.28
N LEU A 238 11.66 -4.84 -23.13
CA LEU A 238 10.38 -5.18 -23.76
C LEU A 238 10.27 -4.57 -25.15
N VAL A 239 10.34 -3.24 -25.26
CA VAL A 239 10.07 -2.58 -26.53
C VAL A 239 11.31 -2.43 -27.41
N GLY A 240 12.48 -2.87 -26.94
CA GLY A 240 13.68 -2.81 -27.73
C GLY A 240 14.33 -1.44 -27.70
N THR A 241 15.57 -1.37 -28.29
CA THR A 241 16.36 -0.14 -28.29
C THR A 241 16.09 0.69 -29.54
N PRO A 242 16.27 2.00 -29.45
CA PRO A 242 15.94 2.88 -30.58
C PRO A 242 16.61 2.44 -31.88
N GLY A 243 15.89 2.65 -32.98
CA GLY A 243 16.40 2.35 -34.30
C GLY A 243 17.04 3.56 -34.96
N ALA A 244 17.58 3.33 -36.15
CA ALA A 244 18.25 4.38 -36.90
C ALA A 244 17.33 5.59 -37.09
N GLU A 245 16.02 5.36 -37.19
CA GLU A 245 15.10 6.45 -37.47
C GLU A 245 14.88 7.35 -36.25
N LEU A 246 14.76 6.74 -35.07
CA LEU A 246 14.50 7.54 -33.87
C LEU A 246 15.72 8.33 -33.40
N LEU A 247 16.93 7.80 -33.60
CA LEU A 247 18.13 8.49 -33.12
C LEU A 247 18.36 9.80 -33.85
N LYS A 248 18.08 9.82 -35.15
CA LYS A 248 18.10 11.08 -35.88
C LYS A 248 17.17 12.10 -35.25
N LYS A 249 16.15 11.65 -34.53
CA LYS A 249 15.10 12.50 -33.99
C LYS A 249 15.34 12.89 -32.53
N ILE A 250 16.36 12.33 -31.89
CA ILE A 250 16.82 12.83 -30.59
C ILE A 250 17.77 13.99 -30.86
N SER A 251 17.47 15.17 -30.30
CA SER A 251 18.21 16.36 -30.67
C SER A 251 19.61 16.43 -30.05
N SER A 252 19.69 16.42 -28.71
CA SER A 252 20.96 16.63 -28.03
C SER A 252 21.82 15.37 -28.03
N GLU A 253 23.14 15.57 -28.08
CA GLU A 253 24.09 14.46 -28.12
C GLU A 253 24.23 13.75 -26.77
N SER A 254 23.97 14.43 -25.66
CA SER A 254 23.88 13.73 -24.38
C SER A 254 22.90 12.57 -24.51
N ALA A 255 21.70 12.85 -25.01
CA ALA A 255 20.68 11.82 -25.20
C ALA A 255 21.13 10.78 -26.22
N ARG A 256 21.57 11.23 -27.40
CA ARG A 256 21.81 10.29 -28.50
C ARG A 256 22.89 9.27 -28.14
N ASN A 257 23.87 9.67 -27.33
CA ASN A 257 24.98 8.79 -26.98
C ASN A 257 24.75 8.03 -25.68
N TYR A 258 23.68 8.35 -24.94
CA TYR A 258 23.31 7.60 -23.74
C TYR A 258 22.74 6.23 -24.07
N ILE A 259 22.52 5.92 -25.34
CA ILE A 259 22.02 4.62 -25.76
C ILE A 259 23.15 3.63 -26.03
N GLN A 260 24.34 4.12 -26.38
CA GLN A 260 25.23 3.35 -27.23
C GLN A 260 25.81 2.14 -26.52
N SER A 261 26.84 2.34 -25.70
CA SER A 261 27.51 1.21 -25.05
C SER A 261 26.61 0.48 -24.07
N LEU A 262 25.42 1.01 -23.79
CA LEU A 262 24.38 0.20 -23.18
C LEU A 262 23.97 -0.91 -24.13
N THR A 263 23.96 -2.14 -23.62
CA THR A 263 23.66 -3.30 -24.45
C THR A 263 22.27 -3.17 -25.07
N GLN A 264 22.18 -3.51 -26.35
CA GLN A 264 20.91 -3.44 -27.05
C GLN A 264 20.05 -4.65 -26.72
N MET A 265 18.74 -4.43 -26.62
CA MET A 265 17.78 -5.50 -26.49
C MET A 265 16.87 -5.43 -27.71
N PRO A 266 16.38 -6.55 -28.21
CA PRO A 266 15.38 -6.49 -29.28
C PRO A 266 14.00 -6.13 -28.74
N LYS A 267 13.16 -5.59 -29.61
CA LYS A 267 11.75 -5.45 -29.28
C LYS A 267 11.11 -6.83 -29.21
N MET A 268 10.24 -7.02 -28.23
CA MET A 268 9.66 -8.33 -27.96
C MET A 268 8.26 -8.42 -28.55
N ASN A 269 7.71 -9.63 -28.50
CA ASN A 269 6.35 -9.90 -28.96
C ASN A 269 5.45 -9.83 -27.74
N PHE A 270 4.46 -8.92 -27.75
CA PHE A 270 3.63 -8.79 -26.56
C PHE A 270 2.68 -9.96 -26.40
N ALA A 271 2.24 -10.58 -27.50
CA ALA A 271 1.37 -11.73 -27.39
C ALA A 271 1.97 -12.80 -26.50
N ASN A 272 3.31 -12.93 -26.52
CA ASN A 272 3.98 -13.88 -25.66
C ASN A 272 4.25 -13.34 -24.27
N VAL A 273 4.17 -12.02 -24.09
CA VAL A 273 4.36 -11.43 -22.77
C VAL A 273 3.07 -11.49 -21.95
N PHE A 274 1.93 -11.27 -22.60
CA PHE A 274 0.64 -11.28 -21.91
C PHE A 274 -0.12 -12.46 -22.49
N ILE A 275 -0.21 -13.54 -21.73
CA ILE A 275 -0.81 -14.78 -22.22
C ILE A 275 -2.08 -15.05 -21.42
N GLY A 276 -3.10 -15.54 -22.13
CA GLY A 276 -4.46 -15.49 -21.64
C GLY A 276 -5.16 -14.17 -21.89
N ALA A 277 -4.44 -13.13 -22.27
CA ALA A 277 -5.05 -11.84 -22.54
C ALA A 277 -5.81 -11.86 -23.86
N ASN A 278 -6.84 -11.03 -23.94
CA ASN A 278 -7.59 -10.87 -25.17
C ASN A 278 -6.65 -10.44 -26.30
N PRO A 279 -6.61 -11.16 -27.42
CA PRO A 279 -5.70 -10.73 -28.50
C PRO A 279 -5.92 -9.30 -28.96
N LEU A 280 -7.17 -8.83 -29.06
CA LEU A 280 -7.36 -7.43 -29.45
C LEU A 280 -6.77 -6.50 -28.41
N ALA A 281 -6.84 -6.87 -27.13
CA ALA A 281 -6.18 -6.08 -26.10
C ALA A 281 -4.68 -6.05 -26.35
N VAL A 282 -4.09 -7.22 -26.63
CA VAL A 282 -2.67 -7.30 -26.93
C VAL A 282 -2.33 -6.41 -28.12
N ASP A 283 -3.18 -6.40 -29.15
CA ASP A 283 -2.95 -5.52 -30.29
C ASP A 283 -2.87 -4.07 -29.84
N LEU A 284 -3.84 -3.62 -29.06
CA LEU A 284 -3.92 -2.22 -28.66
C LEU A 284 -2.73 -1.82 -27.79
N LEU A 285 -2.17 -2.76 -27.02
CA LEU A 285 -0.99 -2.45 -26.22
C LEU A 285 0.24 -2.27 -27.10
N GLU A 286 0.40 -3.13 -28.12
CA GLU A 286 1.43 -2.90 -29.13
C GLU A 286 1.38 -1.47 -29.64
N LYS A 287 0.19 -0.92 -29.81
CA LYS A 287 0.04 0.38 -30.43
C LYS A 287 0.36 1.51 -29.46
N MET A 288 0.16 1.28 -28.16
CA MET A 288 0.39 2.33 -27.16
C MET A 288 1.83 2.39 -26.68
N LEU A 289 2.51 1.25 -26.58
CA LEU A 289 3.83 1.21 -25.95
C LEU A 289 4.98 1.30 -26.95
N VAL A 290 4.69 1.61 -28.21
CA VAL A 290 5.77 1.92 -29.14
C VAL A 290 6.64 3.01 -28.56
N LEU A 291 7.95 2.90 -28.77
CA LEU A 291 8.88 3.82 -28.13
C LEU A 291 8.90 5.17 -28.84
N ASP A 292 8.80 5.18 -30.17
CA ASP A 292 8.79 6.42 -30.94
C ASP A 292 7.44 7.10 -30.79
N SER A 293 7.44 8.32 -30.24
CA SER A 293 6.19 9.04 -29.99
C SER A 293 5.43 9.33 -31.28
N ASP A 294 6.15 9.49 -32.40
CA ASP A 294 5.48 9.82 -33.65
C ASP A 294 4.52 8.72 -34.09
N LYS A 295 4.89 7.46 -33.85
CA LYS A 295 4.13 6.31 -34.30
C LYS A 295 3.15 5.80 -33.25
N ARG A 296 3.14 6.39 -32.06
CA ARG A 296 2.27 5.94 -30.97
C ARG A 296 0.85 6.41 -31.21
N ILE A 297 -0.13 5.55 -30.90
CA ILE A 297 -1.52 5.81 -31.25
C ILE A 297 -2.08 6.96 -30.41
N THR A 298 -3.17 7.54 -30.90
CA THR A 298 -3.85 8.66 -30.24
C THR A 298 -5.12 8.17 -29.54
N ALA A 299 -5.76 9.08 -28.81
CA ALA A 299 -7.02 8.74 -28.15
C ALA A 299 -8.14 8.52 -29.16
N ALA A 300 -8.34 9.49 -30.06
CA ALA A 300 -9.37 9.34 -31.08
C ALA A 300 -9.19 8.05 -31.87
N GLN A 301 -7.93 7.74 -32.21
CA GLN A 301 -7.65 6.49 -32.93
C GLN A 301 -7.82 5.28 -32.02
N ALA A 302 -7.56 5.43 -30.73
CA ALA A 302 -7.70 4.32 -29.80
C ALA A 302 -9.16 3.95 -29.60
N LEU A 303 -10.03 4.95 -29.49
CA LEU A 303 -11.45 4.70 -29.30
C LEU A 303 -12.05 3.91 -30.47
N ALA A 304 -11.49 4.08 -31.66
CA ALA A 304 -11.96 3.35 -32.84
C ALA A 304 -11.38 1.94 -32.93
N HIS A 305 -10.57 1.52 -31.97
CA HIS A 305 -9.93 0.21 -32.04
C HIS A 305 -10.97 -0.87 -31.82
N ALA A 306 -10.74 -2.05 -32.42
CA ALA A 306 -11.71 -3.13 -32.35
C ALA A 306 -11.97 -3.56 -30.91
N TYR A 307 -10.92 -3.58 -30.08
CA TYR A 307 -11.05 -4.00 -28.69
C TYR A 307 -12.19 -3.29 -27.97
N PHE A 308 -12.56 -2.09 -28.41
CA PHE A 308 -13.66 -1.35 -27.80
C PHE A 308 -14.93 -1.42 -28.63
N ALA A 309 -15.01 -2.38 -29.56
CA ALA A 309 -16.12 -2.47 -30.50
C ALA A 309 -17.45 -2.28 -29.79
N GLN A 310 -17.59 -2.91 -28.63
CA GLN A 310 -18.87 -2.91 -27.93
C GLN A 310 -19.27 -1.50 -27.51
N TYR A 311 -18.35 -0.70 -26.98
CA TYR A 311 -18.75 0.56 -26.38
C TYR A 311 -18.56 1.77 -27.30
N HIS A 312 -17.78 1.65 -28.36
CA HIS A 312 -17.41 2.83 -29.16
C HIS A 312 -18.63 3.45 -29.84
N ASP A 313 -18.79 4.75 -29.62
CA ASP A 313 -19.85 5.54 -30.25
C ASP A 313 -19.28 6.89 -30.67
N PRO A 314 -18.93 7.06 -31.94
CA PRO A 314 -18.31 8.34 -32.37
C PRO A 314 -19.11 9.57 -31.97
N ASP A 315 -20.43 9.45 -31.85
CA ASP A 315 -21.27 10.61 -31.57
C ASP A 315 -21.36 10.96 -30.09
N ASP A 316 -21.00 10.04 -29.19
CA ASP A 316 -21.05 10.32 -27.75
C ASP A 316 -19.65 10.50 -27.15
N GLU A 317 -18.64 10.76 -27.98
CA GLU A 317 -17.28 10.93 -27.50
C GLU A 317 -16.86 12.39 -27.68
N PRO A 318 -17.39 13.31 -26.87
CA PRO A 318 -17.26 14.74 -27.18
C PRO A 318 -15.85 15.28 -26.96
N VAL A 319 -15.65 16.49 -27.47
CA VAL A 319 -14.41 17.24 -27.27
C VAL A 319 -14.75 18.46 -26.42
N ALA A 320 -13.77 19.33 -26.22
CA ALA A 320 -13.90 20.44 -25.28
C ALA A 320 -14.14 21.75 -26.01
N ASP A 321 -14.88 22.64 -25.35
CA ASP A 321 -14.99 24.01 -25.81
C ASP A 321 -13.60 24.61 -25.94
N PRO A 322 -13.36 25.47 -26.94
CA PRO A 322 -12.03 26.08 -27.07
C PRO A 322 -11.56 26.70 -25.76
N TYR A 323 -10.28 26.53 -25.47
CA TYR A 323 -9.70 26.93 -24.20
C TYR A 323 -8.57 27.90 -24.45
N ASP A 324 -8.71 29.12 -23.90
CA ASP A 324 -7.76 30.21 -24.16
C ASP A 324 -6.60 30.10 -23.18
N GLN A 325 -5.43 29.75 -23.69
CA GLN A 325 -4.24 29.63 -22.87
C GLN A 325 -3.31 30.82 -23.02
N SER A 326 -3.73 31.87 -23.74
CA SER A 326 -2.82 32.96 -24.07
C SER A 326 -2.07 33.46 -22.85
N PHE A 327 -2.62 33.26 -21.65
CA PHE A 327 -1.96 33.71 -20.43
C PHE A 327 -0.57 33.09 -20.30
N GLU A 328 -0.36 31.90 -20.88
CA GLU A 328 0.92 31.21 -20.75
C GLU A 328 2.07 32.01 -21.34
N SER A 329 1.80 32.92 -22.26
CA SER A 329 2.84 33.77 -22.84
C SER A 329 3.20 34.97 -21.98
N ARG A 330 2.32 35.38 -21.08
CA ARG A 330 2.53 36.59 -20.30
C ARG A 330 3.59 36.40 -19.22
N ASP A 331 4.42 37.42 -19.03
CA ASP A 331 5.33 37.52 -17.90
C ASP A 331 4.81 38.61 -16.97
N LEU A 332 4.36 38.22 -15.79
CA LEU A 332 3.69 39.13 -14.87
C LEU A 332 4.34 39.03 -13.50
N LEU A 333 4.10 40.05 -12.68
CA LEU A 333 4.50 40.01 -11.28
C LEU A 333 3.51 39.15 -10.49
N ILE A 334 3.93 38.73 -9.29
CA ILE A 334 3.08 37.89 -8.44
C ILE A 334 1.70 38.50 -8.31
N ASP A 335 1.63 39.72 -7.79
CA ASP A 335 0.34 40.32 -7.48
C ASP A 335 -0.55 40.39 -8.72
N GLU A 336 0.05 40.43 -9.91
CA GLU A 336 -0.72 40.33 -11.14
C GLU A 336 -1.35 38.95 -11.29
N TRP A 337 -0.55 37.89 -11.18
CA TRP A 337 -1.15 36.56 -11.17
C TRP A 337 -2.09 36.40 -10.00
N LYS A 338 -1.71 36.95 -8.85
CA LYS A 338 -2.57 36.88 -7.67
C LYS A 338 -3.92 37.53 -7.96
N SER A 339 -3.90 38.71 -8.57
CA SER A 339 -5.13 39.37 -8.93
C SER A 339 -5.96 38.53 -9.89
N LEU A 340 -5.34 38.03 -10.96
CA LEU A 340 -6.08 37.23 -11.94
C LEU A 340 -6.74 36.01 -11.32
N THR A 341 -6.06 35.32 -10.39
CA THR A 341 -6.68 34.15 -9.78
C THR A 341 -7.84 34.55 -8.89
N TYR A 342 -7.73 35.69 -8.20
CA TYR A 342 -8.84 36.17 -7.39
C TYR A 342 -10.05 36.43 -8.26
N ASP A 343 -9.84 37.04 -9.43
CA ASP A 343 -10.92 37.22 -10.39
C ASP A 343 -11.60 35.89 -10.72
N GLU A 344 -10.81 34.87 -11.02
CA GLU A 344 -11.37 33.57 -11.40
C GLU A 344 -12.12 32.95 -10.22
N VAL A 345 -11.68 33.21 -8.99
CA VAL A 345 -12.40 32.69 -7.83
C VAL A 345 -13.73 33.41 -7.66
N ILE A 346 -13.73 34.74 -7.85
CA ILE A 346 -14.96 35.50 -7.75
C ILE A 346 -15.94 35.11 -8.84
N SER A 347 -15.43 34.82 -10.03
CA SER A 347 -16.26 34.56 -11.20
C SER A 347 -16.71 33.11 -11.33
N PHE A 348 -16.36 32.26 -10.37
CA PHE A 348 -16.73 30.85 -10.45
C PHE A 348 -18.24 30.66 -10.43
N VAL A 349 -18.70 29.79 -11.32
CA VAL A 349 -20.10 29.42 -11.44
C VAL A 349 -20.22 27.98 -11.01
N PRO A 350 -20.93 27.78 -9.85
CA PRO A 350 -21.03 26.39 -9.42
C PRO A 350 -21.87 25.54 -10.31
N PRO A 351 -21.50 24.21 -10.39
CA PRO A 351 -22.33 23.40 -11.25
C PRO A 351 -23.72 23.28 -10.76
N PRO A 352 -24.61 22.72 -11.65
CA PRO A 352 -25.97 22.61 -11.14
C PRO A 352 -26.20 21.18 -10.70
N LEU A 353 -27.41 20.82 -10.37
CA LEU A 353 -27.70 19.46 -9.97
C LEU A 353 -26.80 19.13 -8.82
N GLY B 1 -25.35 7.61 -17.26
CA GLY B 1 -25.52 6.16 -17.52
C GLY B 1 -24.86 5.74 -18.82
N LEU B 2 -23.53 5.79 -18.84
CA LEU B 2 -22.81 5.52 -20.08
C LEU B 2 -23.03 4.10 -20.57
N LEU B 3 -23.06 3.12 -19.66
CA LEU B 3 -23.41 1.76 -20.08
C LEU B 3 -24.84 1.70 -20.60
N GLU B 4 -25.77 2.36 -19.90
CA GLU B 4 -27.15 2.46 -20.38
C GLU B 4 -27.21 3.04 -21.79
N ARG B 5 -26.48 4.14 -22.04
CA ARG B 5 -26.57 4.78 -23.34
C ARG B 5 -25.97 3.92 -24.45
N ARG B 6 -25.09 2.97 -24.11
CA ARG B 6 -24.50 2.07 -25.09
C ARG B 6 -25.25 0.74 -25.19
N GLY B 7 -26.37 0.61 -24.49
CA GLY B 7 -27.12 -0.64 -24.51
C GLY B 7 -26.27 -1.83 -24.11
N VAL B 8 -25.62 -1.75 -22.95
CA VAL B 8 -24.77 -2.83 -22.44
C VAL B 8 -25.29 -3.24 -21.07
N SER B 9 -25.44 -4.55 -20.88
CA SER B 9 -25.86 -5.07 -19.58
C SER B 9 -24.78 -4.79 -18.53
N GLU B 10 -25.21 -4.75 -17.27
CA GLU B 10 -24.37 -4.24 -16.18
C GLU B 10 -23.30 -5.25 -15.79
N LEU B 11 -22.09 -4.75 -15.55
CA LEU B 11 -20.93 -5.58 -15.22
C LEU B 11 -21.00 -6.11 -13.79
N PRO B 12 -20.14 -7.05 -13.42
CA PRO B 12 -20.06 -7.46 -12.00
C PRO B 12 -19.68 -6.29 -11.12
N PRO B 13 -20.39 -6.07 -10.01
CA PRO B 13 -20.11 -4.88 -9.17
C PRO B 13 -18.71 -4.90 -8.56
N LEU B 14 -18.12 -3.71 -8.45
CA LEU B 14 -16.84 -3.49 -7.77
C LEU B 14 -17.05 -2.99 -6.34
N TYR B 15 -16.50 -3.70 -5.36
CA TYR B 15 -16.42 -3.15 -4.01
C TYR B 15 -15.11 -2.37 -3.91
N ILE B 16 -15.07 -1.17 -3.32
CA ILE B 16 -16.09 -0.64 -2.42
C ILE B 16 -16.80 0.55 -3.06
N GLU C 4 15.18 -41.49 1.38
CA GLU C 4 14.70 -41.17 0.05
C GLU C 4 14.89 -39.68 -0.24
N ARG C 5 15.52 -39.40 -1.37
CA ARG C 5 15.77 -38.04 -1.84
C ARG C 5 14.83 -37.72 -3.00
N PRO C 6 14.18 -36.55 -2.99
CA PRO C 6 13.37 -36.18 -4.16
C PRO C 6 14.22 -35.62 -5.27
N THR C 7 13.65 -35.64 -6.47
CA THR C 7 14.31 -35.12 -7.66
C THR C 7 13.91 -33.67 -7.82
N PHE C 8 14.89 -32.79 -7.99
CA PHE C 8 14.55 -31.38 -8.12
C PHE C 8 14.54 -30.98 -9.58
N TYR C 9 14.16 -29.74 -9.77
CA TYR C 9 14.23 -29.09 -11.04
C TYR C 9 14.78 -27.72 -10.78
N ARG C 10 15.21 -27.08 -11.85
CA ARG C 10 15.90 -25.80 -11.79
C ARG C 10 15.19 -24.84 -12.72
N GLN C 11 14.93 -23.62 -12.27
CA GLN C 11 14.37 -22.63 -13.17
C GLN C 11 14.86 -21.26 -12.73
N GLU C 12 14.31 -20.22 -13.34
CA GLU C 12 14.79 -18.86 -13.16
C GLU C 12 13.67 -17.97 -12.61
N LEU C 13 13.95 -17.31 -11.49
CA LEU C 13 12.98 -16.51 -10.75
C LEU C 13 13.70 -15.32 -10.13
N ASN C 14 12.99 -14.19 -10.05
CA ASN C 14 13.60 -12.86 -10.02
C ASN C 14 14.97 -12.92 -9.38
N LYS C 15 15.90 -12.45 -10.20
CA LYS C 15 16.39 -13.40 -11.15
C LYS C 15 17.74 -14.05 -10.93
N THR C 16 17.57 -15.26 -10.39
CA THR C 16 18.62 -16.24 -10.16
C THR C 16 17.99 -17.60 -10.47
N ILE C 17 18.72 -18.67 -10.20
CA ILE C 17 18.22 -20.02 -10.43
C ILE C 17 17.74 -20.58 -9.10
N TRP C 18 16.46 -20.95 -9.02
CA TRP C 18 15.95 -21.70 -7.88
C TRP C 18 15.90 -23.18 -8.26
N GLU C 19 16.37 -24.04 -7.38
CA GLU C 19 16.34 -25.48 -7.58
C GLU C 19 15.53 -26.10 -6.44
N VAL C 20 14.36 -26.65 -6.77
CA VAL C 20 13.42 -27.10 -5.74
C VAL C 20 12.94 -28.51 -6.10
N PRO C 21 12.35 -29.21 -5.13
CA PRO C 21 11.73 -30.50 -5.44
C PRO C 21 10.57 -30.36 -6.43
N GLU C 22 10.36 -31.40 -7.22
CA GLU C 22 9.27 -31.39 -8.20
C GLU C 22 7.91 -31.30 -7.53
N ARG C 23 7.84 -31.54 -6.22
CA ARG C 23 6.62 -31.33 -5.45
C ARG C 23 6.07 -29.93 -5.62
N TYR C 24 6.93 -28.95 -5.92
CA TYR C 24 6.56 -27.55 -5.94
C TYR C 24 6.44 -27.08 -7.39
N GLN C 25 5.25 -26.60 -7.76
CA GLN C 25 4.97 -26.21 -9.13
C GLN C 25 4.40 -24.80 -9.17
N ASN C 26 4.42 -24.21 -10.37
CA ASN C 26 3.79 -22.91 -10.64
C ASN C 26 4.34 -21.83 -9.71
N LEU C 27 5.67 -21.73 -9.63
CA LEU C 27 6.31 -20.71 -8.82
C LEU C 27 6.13 -19.33 -9.44
N SER C 28 5.78 -18.34 -8.62
CA SER C 28 5.72 -16.95 -9.01
C SER C 28 6.40 -16.10 -7.94
N PRO C 29 7.18 -15.07 -8.33
CA PRO C 29 8.05 -14.40 -7.34
C PRO C 29 7.35 -13.50 -6.33
N VAL C 30 6.10 -13.09 -6.53
CA VAL C 30 5.44 -12.16 -5.62
C VAL C 30 6.45 -11.07 -5.24
N GLY C 31 6.67 -10.86 -3.94
CA GLY C 31 7.67 -9.91 -3.49
C GLY C 31 8.62 -10.49 -2.47
N SER C 32 9.77 -9.85 -2.30
CA SER C 32 10.87 -10.39 -1.53
C SER C 32 11.40 -9.42 -0.50
N GLY C 33 11.80 -9.96 0.65
CA GLY C 33 12.56 -9.24 1.64
C GLY C 33 13.06 -10.20 2.70
N ALA C 34 13.66 -9.64 3.74
CA ALA C 34 14.06 -10.41 4.92
C ALA C 34 15.11 -11.46 4.56
N TYR C 35 16.20 -11.02 3.94
CA TYR C 35 17.42 -11.77 3.73
C TYR C 35 17.32 -12.80 2.60
N GLY C 36 16.13 -13.05 2.05
CA GLY C 36 16.01 -13.99 0.95
C GLY C 36 14.77 -13.70 0.13
N SER C 37 14.83 -14.08 -1.14
CA SER C 37 13.69 -13.91 -2.02
C SER C 37 12.63 -14.95 -1.72
N VAL C 38 11.39 -14.62 -2.05
CA VAL C 38 10.23 -15.45 -1.75
C VAL C 38 9.40 -15.59 -3.01
N CYS C 39 9.03 -16.83 -3.34
CA CYS C 39 8.07 -17.11 -4.39
C CYS C 39 6.84 -17.77 -3.81
N ALA C 40 5.69 -17.46 -4.39
CA ALA C 40 4.50 -18.27 -4.17
C ALA C 40 4.56 -19.47 -5.09
N ALA C 41 4.08 -20.61 -4.59
CA ALA C 41 4.14 -21.86 -5.33
C ALA C 41 2.93 -22.70 -5.00
N PHE C 42 2.69 -23.70 -5.84
CA PHE C 42 1.63 -24.67 -5.60
C PHE C 42 2.25 -25.96 -5.08
N ASP C 43 1.89 -26.35 -3.87
CA ASP C 43 2.34 -27.60 -3.28
C ASP C 43 1.42 -28.73 -3.75
N THR C 44 1.97 -29.67 -4.53
CA THR C 44 1.18 -30.76 -5.05
C THR C 44 0.91 -31.84 -4.01
N LYS C 45 1.70 -31.88 -2.93
CA LYS C 45 1.43 -32.83 -1.86
C LYS C 45 0.18 -32.44 -1.08
N THR C 46 0.05 -31.15 -0.74
CA THR C 46 -1.10 -30.66 0.00
C THR C 46 -2.12 -29.94 -0.88
N GLY C 47 -1.80 -29.74 -2.16
CA GLY C 47 -2.71 -29.02 -3.03
C GLY C 47 -3.00 -27.61 -2.59
N LEU C 48 -2.08 -26.99 -1.85
CA LEU C 48 -2.26 -25.66 -1.30
C LEU C 48 -1.27 -24.68 -1.93
N ARG C 49 -1.59 -23.39 -1.79
CA ARG C 49 -0.65 -22.33 -2.14
C ARG C 49 0.27 -22.07 -0.97
N VAL C 50 1.58 -22.00 -1.26
CA VAL C 50 2.61 -22.05 -0.25
C VAL C 50 3.60 -20.92 -0.54
N ALA C 51 4.34 -20.55 0.49
CA ALA C 51 5.42 -19.57 0.37
C ALA C 51 6.76 -20.29 0.40
N VAL C 52 7.63 -19.97 -0.55
CA VAL C 52 8.94 -20.59 -0.66
C VAL C 52 9.98 -19.48 -0.50
N LYS C 53 10.79 -19.58 0.55
CA LYS C 53 11.77 -18.56 0.87
C LYS C 53 13.17 -19.14 0.68
N LYS C 54 13.99 -18.44 -0.11
CA LYS C 54 15.33 -18.90 -0.49
C LYS C 54 16.37 -18.05 0.23
N LEU C 55 17.10 -18.67 1.15
CA LEU C 55 18.16 -18.02 1.90
C LEU C 55 19.50 -18.36 1.26
N SER C 56 20.11 -17.39 0.59
CA SER C 56 21.38 -17.59 -0.09
C SER C 56 22.57 -17.04 0.68
N ARG C 57 22.34 -16.36 1.82
CA ARG C 57 23.42 -15.86 2.67
C ARG C 57 23.24 -16.29 4.12
N PRO C 58 22.92 -17.56 4.38
CA PRO C 58 22.74 -17.99 5.78
C PRO C 58 24.04 -18.09 6.56
N PHE C 59 25.13 -18.50 5.91
CA PHE C 59 26.38 -18.85 6.56
C PHE C 59 27.51 -17.88 6.27
N GLN C 60 27.20 -16.71 5.71
CA GLN C 60 28.21 -15.73 5.36
C GLN C 60 29.07 -15.30 6.55
N SER C 61 28.52 -15.34 7.77
CA SER C 61 29.30 -14.93 8.94
C SER C 61 28.73 -15.60 10.18
N ILE C 62 29.50 -15.49 11.27
CA ILE C 62 29.03 -15.94 12.58
C ILE C 62 27.64 -15.39 12.88
N ILE C 63 27.42 -14.09 12.63
CA ILE C 63 26.10 -13.53 12.88
C ILE C 63 25.06 -14.23 12.03
N HIS C 64 25.25 -14.23 10.71
CA HIS C 64 24.30 -14.86 9.80
C HIS C 64 24.07 -16.32 10.19
N ALA C 65 25.13 -17.05 10.47
CA ALA C 65 25.01 -18.49 10.69
C ALA C 65 24.18 -18.79 11.93
N LYS C 66 24.47 -18.10 13.04
CA LYS C 66 23.69 -18.35 14.26
C LYS C 66 22.25 -17.93 14.07
N ARG C 67 22.02 -16.80 13.40
CA ARG C 67 20.65 -16.36 13.13
C ARG C 67 19.90 -17.43 12.35
N THR C 68 20.52 -17.98 11.32
CA THR C 68 19.89 -19.01 10.51
C THR C 68 19.51 -20.22 11.36
N TYR C 69 20.47 -20.75 12.12
CA TYR C 69 20.17 -21.89 13.00
C TYR C 69 19.05 -21.54 13.98
N ARG C 70 19.06 -20.31 14.49
CA ARG C 70 18.03 -19.87 15.42
C ARG C 70 16.64 -19.93 14.77
N GLU C 71 16.49 -19.32 13.61
CA GLU C 71 15.19 -19.30 12.94
C GLU C 71 14.71 -20.71 12.63
N LEU C 72 15.60 -21.57 12.13
CA LEU C 72 15.20 -22.91 11.74
C LEU C 72 14.74 -23.72 12.96
N ARG C 73 15.51 -23.69 14.05
CA ARG C 73 15.07 -24.31 15.30
C ARG C 73 13.69 -23.81 15.69
N LEU C 74 13.48 -22.50 15.62
CA LEU C 74 12.23 -21.90 16.06
C LEU C 74 11.07 -22.36 15.19
N LEU C 75 11.24 -22.29 13.87
CA LEU C 75 10.17 -22.68 12.96
C LEU C 75 9.78 -24.15 13.17
N LYS C 76 10.77 -25.03 13.32
CA LYS C 76 10.44 -26.44 13.56
C LYS C 76 9.70 -26.64 14.87
N HIS C 77 9.93 -25.78 15.87
CA HIS C 77 9.32 -26.00 17.17
C HIS C 77 7.90 -25.45 17.24
N MET C 78 7.55 -24.48 16.40
CA MET C 78 6.24 -23.83 16.41
C MET C 78 5.24 -24.73 15.70
N LYS C 79 4.28 -25.26 16.47
CA LYS C 79 3.16 -26.02 15.90
C LYS C 79 1.90 -25.60 16.65
N HIS C 80 1.15 -24.67 16.06
CA HIS C 80 -0.05 -24.13 16.69
C HIS C 80 -1.01 -23.63 15.64
N GLU C 81 -2.30 -23.67 15.98
CA GLU C 81 -3.35 -23.36 15.02
C GLU C 81 -3.26 -21.92 14.56
N ASN C 82 -2.84 -21.02 15.45
CA ASN C 82 -2.74 -19.59 15.17
C ASN C 82 -1.31 -19.10 14.97
N VAL C 83 -0.34 -19.99 14.85
CA VAL C 83 1.06 -19.60 14.66
C VAL C 83 1.57 -20.27 13.39
N ILE C 84 2.36 -19.51 12.62
CA ILE C 84 2.92 -20.06 11.40
C ILE C 84 3.78 -21.27 11.73
N GLY C 85 3.70 -22.29 10.88
CA GLY C 85 4.51 -23.47 11.05
C GLY C 85 5.29 -23.81 9.81
N LEU C 86 6.31 -24.63 9.99
CA LEU C 86 7.25 -24.99 8.93
C LEU C 86 6.76 -26.25 8.23
N LEU C 87 6.34 -26.12 6.97
CA LEU C 87 5.80 -27.25 6.23
C LEU C 87 6.90 -28.10 5.62
N ASP C 88 8.00 -27.48 5.20
CA ASP C 88 9.14 -28.23 4.68
C ASP C 88 10.37 -27.34 4.69
N VAL C 89 11.54 -27.99 4.70
CA VAL C 89 12.83 -27.31 4.55
C VAL C 89 13.72 -28.23 3.73
N PHE C 90 14.45 -27.65 2.78
CA PHE C 90 15.27 -28.47 1.91
C PHE C 90 16.43 -27.64 1.37
N THR C 91 17.43 -28.35 0.86
CA THR C 91 18.56 -27.77 0.17
C THR C 91 18.92 -28.72 -0.97
N PRO C 92 19.34 -28.19 -2.13
CA PRO C 92 19.80 -29.09 -3.20
C PRO C 92 21.10 -29.81 -2.85
N ALA C 93 21.86 -29.32 -1.89
CA ALA C 93 23.15 -29.89 -1.59
C ALA C 93 23.02 -31.30 -1.04
N ARG C 94 23.95 -32.16 -1.43
CA ARG C 94 23.97 -33.57 -1.02
C ARG C 94 24.98 -33.84 0.09
N SER C 95 25.77 -32.84 0.48
CA SER C 95 26.82 -33.02 1.46
C SER C 95 27.06 -31.70 2.18
N LEU C 96 27.54 -31.78 3.42
CA LEU C 96 27.87 -30.58 4.19
C LEU C 96 28.83 -29.68 3.43
N GLU C 97 29.81 -30.27 2.73
CA GLU C 97 30.75 -29.47 1.94
C GLU C 97 30.07 -28.78 0.76
N GLU C 98 28.98 -29.34 0.25
CA GLU C 98 28.24 -28.72 -0.84
C GLU C 98 27.10 -27.82 -0.34
N PHE C 99 26.96 -27.71 0.98
CA PHE C 99 25.80 -27.06 1.59
C PHE C 99 25.99 -25.55 1.68
N ASN C 100 25.07 -24.81 1.04
CA ASN C 100 24.94 -23.37 1.24
C ASN C 100 23.49 -22.96 1.41
N ASP C 101 22.70 -23.11 0.36
CA ASP C 101 21.36 -22.53 0.31
C ASP C 101 20.36 -23.36 1.09
N VAL C 102 19.48 -22.66 1.81
CA VAL C 102 18.42 -23.25 2.61
C VAL C 102 17.12 -22.64 2.11
N TYR C 103 16.11 -23.47 1.86
CA TYR C 103 14.79 -22.97 1.46
C TYR C 103 13.79 -23.36 2.50
N LEU C 104 12.95 -22.42 2.88
CA LEU C 104 11.91 -22.62 3.87
C LEU C 104 10.57 -22.50 3.14
N VAL C 105 9.66 -23.43 3.39
CA VAL C 105 8.32 -23.35 2.78
C VAL C 105 7.33 -23.12 3.91
N THR C 106 6.36 -22.27 3.65
CA THR C 106 5.38 -21.86 4.66
C THR C 106 4.00 -21.84 4.03
N HIS C 107 2.98 -22.07 4.86
CA HIS C 107 1.61 -21.95 4.39
C HIS C 107 1.31 -20.51 4.04
N LEU C 108 0.97 -20.27 2.77
CA LEU C 108 0.64 -18.94 2.30
C LEU C 108 -0.87 -18.75 2.45
N MET C 109 -1.26 -17.99 3.46
CA MET C 109 -2.65 -17.85 3.85
C MET C 109 -3.22 -16.56 3.26
N GLY C 110 -4.55 -16.48 3.22
CA GLY C 110 -5.23 -15.59 2.30
C GLY C 110 -4.63 -14.21 2.11
N ALA C 111 -4.50 -13.42 3.17
CA ALA C 111 -4.04 -12.05 3.00
C ALA C 111 -3.44 -11.52 4.29
N ASP C 112 -2.63 -10.47 4.14
CA ASP C 112 -2.11 -9.68 5.25
C ASP C 112 -3.16 -8.69 5.75
N LEU C 113 -3.01 -8.29 7.01
CA LEU C 113 -4.07 -7.55 7.68
C LEU C 113 -4.11 -6.08 7.26
N ASN C 114 -2.97 -5.46 6.93
CA ASN C 114 -3.02 -4.18 6.23
C ASN C 114 -3.97 -4.26 5.05
N ASN C 115 -3.78 -5.31 4.26
CA ASN C 115 -4.54 -5.57 3.05
C ASN C 115 -6.03 -5.80 3.38
N ILE C 116 -6.31 -6.48 4.50
CA ILE C 116 -7.69 -6.82 4.87
C ILE C 116 -8.54 -5.57 5.14
N VAL C 117 -8.11 -4.73 6.07
CA VAL C 117 -8.90 -3.58 6.49
C VAL C 117 -9.11 -2.49 5.42
N LYS C 118 -8.32 -2.38 4.34
CA LYS C 118 -8.83 -1.50 3.29
C LYS C 118 -10.05 -2.11 2.62
N CYS C 119 -9.92 -3.34 2.12
CA CYS C 119 -10.90 -3.89 1.19
C CYS C 119 -12.28 -4.03 1.81
N GLN C 120 -12.38 -4.05 3.13
CA GLN C 120 -13.67 -4.01 3.79
C GLN C 120 -13.48 -3.45 5.19
N LYS C 121 -14.54 -2.86 5.71
CA LYS C 121 -14.60 -2.40 7.10
C LYS C 121 -14.99 -3.52 8.04
N LEU C 122 -14.23 -3.65 9.13
CA LEU C 122 -14.37 -4.76 10.05
C LEU C 122 -15.40 -4.45 11.13
N THR C 123 -16.29 -5.41 11.35
CA THR C 123 -17.26 -5.35 12.43
C THR C 123 -16.58 -5.62 13.77
N ASP C 124 -17.24 -5.24 14.86
CA ASP C 124 -16.71 -5.58 16.18
C ASP C 124 -16.55 -7.09 16.33
N ASP C 125 -17.44 -7.86 15.70
CA ASP C 125 -17.33 -9.31 15.75
C ASP C 125 -16.07 -9.84 15.07
N HIS C 126 -15.54 -9.12 14.06
CA HIS C 126 -14.25 -9.50 13.49
C HIS C 126 -13.10 -9.15 14.42
N VAL C 127 -12.99 -7.87 14.79
CA VAL C 127 -11.90 -7.44 15.67
C VAL C 127 -11.83 -8.35 16.89
N GLN C 128 -12.97 -8.55 17.53
CA GLN C 128 -13.03 -9.45 18.68
C GLN C 128 -12.39 -10.79 18.34
N PHE C 129 -12.91 -11.46 17.31
CA PHE C 129 -12.38 -12.77 16.94
C PHE C 129 -10.93 -12.69 16.47
N LEU C 130 -10.54 -11.61 15.78
CA LEU C 130 -9.14 -11.49 15.34
C LEU C 130 -8.20 -11.33 16.53
N ILE C 131 -8.51 -10.41 17.44
CA ILE C 131 -7.63 -10.19 18.59
C ILE C 131 -7.58 -11.43 19.46
N TYR C 132 -8.65 -12.22 19.48
CA TYR C 132 -8.66 -13.43 20.29
C TYR C 132 -7.57 -14.40 19.88
N GLN C 133 -7.35 -14.59 18.61
CA GLN C 133 -6.37 -15.53 18.12
C GLN C 133 -4.95 -15.11 18.27
N ILE C 134 -4.72 -13.84 18.14
CA ILE C 134 -3.39 -13.28 18.34
C ILE C 134 -2.91 -13.60 19.75
N LEU C 135 -3.74 -13.31 20.75
CA LEU C 135 -3.39 -13.64 22.13
C LEU C 135 -3.26 -15.14 22.32
N ARG C 136 -4.15 -15.92 21.70
CA ARG C 136 -4.09 -17.36 21.81
C ARG C 136 -2.78 -17.89 21.22
N GLY C 137 -2.27 -17.23 20.18
CA GLY C 137 -0.97 -17.59 19.65
C GLY C 137 0.18 -17.12 20.53
N LEU C 138 0.04 -15.93 21.13
CA LEU C 138 1.09 -15.43 22.02
C LEU C 138 1.20 -16.31 23.27
N LYS C 139 0.06 -16.71 23.83
CA LYS C 139 0.09 -17.57 25.01
C LYS C 139 1.06 -18.74 24.80
N TYR C 140 0.97 -19.31 23.63
CA TYR C 140 1.79 -20.43 23.15
C TYR C 140 3.21 -20.01 22.88
N ILE C 141 3.38 -18.92 22.18
CA ILE C 141 4.73 -18.44 21.88
C ILE C 141 5.47 -18.12 23.18
N HIS C 142 4.79 -17.43 24.10
CA HIS C 142 5.42 -17.09 25.37
C HIS C 142 5.68 -18.30 26.25
N SER C 143 4.81 -19.32 26.19
CA SER C 143 5.06 -20.52 26.99
C SER C 143 6.29 -21.27 26.51
N ALA C 144 6.71 -21.04 25.27
CA ALA C 144 7.94 -21.61 24.74
C ALA C 144 9.17 -20.78 25.10
N ASP C 145 8.99 -19.75 25.93
CA ASP C 145 10.07 -18.86 26.32
C ASP C 145 10.60 -18.08 25.13
N ILE C 146 9.69 -17.72 24.22
CA ILE C 146 10.01 -16.92 23.05
C ILE C 146 9.37 -15.56 23.20
N ILE C 147 10.01 -14.54 22.64
CA ILE C 147 9.41 -13.23 22.51
C ILE C 147 9.35 -12.92 21.02
N HIS C 148 8.14 -12.81 20.47
CA HIS C 148 7.98 -12.39 19.09
C HIS C 148 8.33 -10.92 18.98
N ARG C 149 9.35 -10.59 18.21
CA ARG C 149 9.80 -9.21 18.11
C ARG C 149 9.23 -8.63 16.82
N ASP C 150 8.61 -7.46 16.95
CA ASP C 150 7.98 -6.79 15.82
C ASP C 150 6.55 -6.95 15.31
N LEU C 151 5.63 -7.35 16.21
CA LEU C 151 4.29 -7.71 15.80
C LEU C 151 3.65 -6.50 15.15
N LYS C 152 3.30 -6.63 13.87
CA LYS C 152 2.66 -5.56 13.14
C LYS C 152 1.66 -6.18 12.18
N PRO C 153 0.68 -5.40 11.71
CA PRO C 153 -0.31 -5.97 10.78
C PRO C 153 0.30 -6.68 9.59
N SER C 154 1.42 -6.18 9.05
CA SER C 154 2.05 -6.85 7.91
C SER C 154 2.41 -8.30 8.21
N ASN C 155 2.52 -8.67 9.49
CA ASN C 155 2.94 -10.01 9.90
C ASN C 155 1.78 -10.89 10.36
N LEU C 156 0.53 -10.47 10.14
CA LEU C 156 -0.64 -11.24 10.55
C LEU C 156 -1.40 -11.67 9.29
N ALA C 157 -1.34 -12.95 8.98
CA ALA C 157 -2.08 -13.50 7.84
C ALA C 157 -3.51 -13.80 8.23
N VAL C 158 -4.46 -13.56 7.31
CA VAL C 158 -5.86 -13.82 7.58
C VAL C 158 -6.50 -14.34 6.30
N ASN C 159 -7.54 -15.16 6.45
CA ASN C 159 -8.27 -15.68 5.30
C ASN C 159 -9.72 -15.21 5.38
N GLU C 160 -10.54 -15.73 4.45
CA GLU C 160 -11.89 -15.20 4.26
C GLU C 160 -12.84 -15.61 5.37
N ASP C 161 -12.54 -16.69 6.09
CA ASP C 161 -13.32 -17.09 7.26
C ASP C 161 -12.86 -16.38 8.52
N CYS C 162 -11.96 -15.39 8.39
CA CYS C 162 -11.44 -14.61 9.51
C CYS C 162 -10.52 -15.44 10.40
N GLU C 163 -9.89 -16.48 9.85
CA GLU C 163 -8.86 -17.22 10.56
C GLU C 163 -7.52 -16.49 10.43
N LEU C 164 -6.71 -16.56 11.49
CA LEU C 164 -5.48 -15.79 11.59
C LEU C 164 -4.30 -16.66 12.00
N LYS C 165 -3.11 -16.24 11.58
CA LYS C 165 -1.86 -16.83 12.06
C LYS C 165 -0.78 -15.77 12.19
N ILE C 166 0.02 -15.89 13.25
CA ILE C 166 1.21 -15.07 13.44
C ILE C 166 2.36 -15.68 12.65
N LEU C 167 3.12 -14.84 11.95
CA LEU C 167 4.24 -15.28 11.15
C LEU C 167 5.39 -14.29 11.26
N ASP C 168 6.53 -14.68 10.69
CA ASP C 168 7.71 -13.81 10.57
C ASP C 168 8.16 -13.29 11.94
N PHE C 169 8.81 -14.18 12.70
CA PHE C 169 9.25 -13.69 14.00
C PHE C 169 10.52 -12.87 13.84
N GLY C 170 10.80 -12.04 14.83
CA GLY C 170 11.99 -11.20 14.78
C GLY C 170 13.26 -11.95 15.16
N ARG C 186 6.59 -1.08 13.18
CA ARG C 186 7.63 -0.10 13.42
C ARG C 186 7.06 1.08 14.19
N TRP C 187 5.76 1.34 14.00
CA TRP C 187 5.06 2.25 14.90
C TRP C 187 4.50 1.51 16.11
N TYR C 188 4.52 0.18 16.08
CA TYR C 188 3.81 -0.67 17.04
C TYR C 188 4.72 -1.18 18.13
N ARG C 189 5.93 -0.63 18.23
CA ARG C 189 7.01 -1.25 18.98
C ARG C 189 7.04 -0.65 20.38
N ALA C 190 7.09 -1.51 21.40
CA ALA C 190 6.98 -1.05 22.77
C ALA C 190 8.05 0.00 23.08
N PRO C 191 7.74 1.00 23.91
CA PRO C 191 8.75 2.02 24.22
C PRO C 191 10.05 1.46 24.79
N GLU C 192 9.96 0.56 25.77
CA GLU C 192 11.17 0.13 26.48
C GLU C 192 12.21 -0.50 25.58
N ILE C 193 11.86 -0.98 24.39
CA ILE C 193 12.88 -1.49 23.47
C ILE C 193 13.56 -0.34 22.75
N MET C 194 12.77 0.45 22.04
CA MET C 194 13.31 1.53 21.21
C MET C 194 14.19 2.48 22.01
N LEU C 195 14.03 2.54 23.33
CA LEU C 195 14.88 3.36 24.18
C LEU C 195 15.95 2.52 24.88
N ASN C 196 15.99 1.23 24.63
CA ASN C 196 16.99 0.33 25.22
C ASN C 196 17.08 0.52 26.73
N TRP C 197 15.91 0.48 27.39
CA TRP C 197 15.86 0.68 28.83
C TRP C 197 16.51 -0.48 29.58
N MET C 198 16.10 -1.71 29.29
CA MET C 198 16.40 -2.83 30.16
C MET C 198 16.30 -4.13 29.34
N HIS C 199 16.27 -5.25 30.04
CA HIS C 199 15.97 -6.53 29.40
C HIS C 199 14.46 -6.65 29.19
N TYR C 200 14.10 -7.29 28.09
CA TYR C 200 12.77 -7.18 27.51
C TYR C 200 11.98 -8.44 27.86
N ASN C 201 10.80 -8.26 28.45
CA ASN C 201 10.00 -9.40 28.87
C ASN C 201 8.97 -9.75 27.81
N GLN C 202 8.19 -10.81 28.10
CA GLN C 202 7.22 -11.32 27.14
C GLN C 202 6.21 -10.25 26.73
N THR C 203 5.88 -9.35 27.65
CA THR C 203 4.74 -8.46 27.48
C THR C 203 5.01 -7.29 26.54
N VAL C 204 6.18 -7.22 25.91
CA VAL C 204 6.39 -6.24 24.86
C VAL C 204 5.49 -6.55 23.67
N ASP C 205 5.15 -7.82 23.49
CA ASP C 205 4.22 -8.21 22.44
C ASP C 205 2.80 -7.77 22.78
N ILE C 206 2.48 -7.69 24.06
CA ILE C 206 1.16 -7.26 24.48
C ILE C 206 0.94 -5.79 24.13
N TRP C 207 2.01 -4.99 24.17
CA TRP C 207 1.91 -3.61 23.70
C TRP C 207 1.47 -3.58 22.24
N SER C 208 2.16 -4.33 21.38
CA SER C 208 1.83 -4.35 19.97
C SER C 208 0.39 -4.79 19.74
N VAL C 209 -0.05 -5.83 20.44
CA VAL C 209 -1.45 -6.25 20.37
C VAL C 209 -2.36 -5.10 20.77
N GLY C 210 -1.93 -4.27 21.72
CA GLY C 210 -2.71 -3.10 22.08
C GLY C 210 -2.73 -2.09 20.94
N CYS C 211 -1.58 -1.86 20.32
CA CYS C 211 -1.52 -0.99 19.15
C CYS C 211 -2.35 -1.56 17.99
N ILE C 212 -2.24 -2.87 17.75
CA ILE C 212 -2.98 -3.48 16.64
C ILE C 212 -4.48 -3.43 16.91
N MET C 213 -4.89 -3.79 18.13
CA MET C 213 -6.30 -3.75 18.48
C MET C 213 -6.85 -2.33 18.34
N ALA C 214 -6.05 -1.34 18.71
CA ALA C 214 -6.47 0.05 18.59
C ALA C 214 -6.80 0.40 17.14
N GLU C 215 -5.91 0.08 16.21
CA GLU C 215 -6.11 0.48 14.81
C GLU C 215 -7.34 -0.20 14.20
N LEU C 216 -7.55 -1.47 14.50
CA LEU C 216 -8.73 -2.18 13.97
C LEU C 216 -10.02 -1.49 14.37
N LEU C 217 -10.14 -1.05 15.62
CA LEU C 217 -11.37 -0.38 16.04
C LEU C 217 -11.49 0.99 15.40
N THR C 218 -10.42 1.78 15.44
CA THR C 218 -10.46 3.16 14.95
C THR C 218 -10.25 3.26 13.45
N GLY C 219 -9.72 2.22 12.82
CA GLY C 219 -9.37 2.28 11.42
C GLY C 219 -8.12 3.08 11.10
N ARG C 220 -7.41 3.55 12.12
CA ARG C 220 -6.30 4.48 11.96
C ARG C 220 -5.12 4.02 12.80
N THR C 221 -3.91 4.29 12.30
CA THR C 221 -2.72 4.04 13.10
C THR C 221 -2.74 4.93 14.34
N LEU C 222 -2.57 4.31 15.51
CA LEU C 222 -2.81 5.02 16.75
C LEU C 222 -1.62 5.89 17.16
N PHE C 223 -0.38 5.44 16.93
CA PHE C 223 0.82 6.22 17.24
C PHE C 223 1.66 6.35 15.97
N PRO C 224 1.24 7.33 14.93
CA PRO C 224 2.00 7.45 13.67
C PRO C 224 3.25 8.30 13.80
N GLY C 225 4.28 7.75 14.44
CA GLY C 225 5.53 8.48 14.60
C GLY C 225 6.32 8.48 13.30
N THR C 226 6.92 9.63 12.98
CA THR C 226 7.66 9.78 11.72
C THR C 226 9.14 9.47 11.95
N ASP C 227 9.71 10.41 12.69
CA ASP C 227 11.07 10.38 13.14
C ASP C 227 10.74 9.58 14.37
N HIS C 228 11.71 9.40 15.24
CA HIS C 228 11.67 8.40 16.27
C HIS C 228 11.14 9.21 17.43
N ILE C 229 11.88 10.26 17.75
CA ILE C 229 11.56 11.17 18.84
C ILE C 229 10.10 11.51 18.71
N ASP C 230 9.71 11.76 17.48
CA ASP C 230 8.28 11.96 17.22
C ASP C 230 7.45 10.86 17.86
N GLN C 231 7.77 9.60 17.54
CA GLN C 231 7.00 8.45 18.03
C GLN C 231 6.78 8.53 19.54
N LEU C 232 7.81 8.93 20.30
CA LEU C 232 7.70 8.93 21.75
C LEU C 232 6.51 9.76 22.23
N LYS C 233 6.53 11.07 21.98
CA LYS C 233 5.54 11.94 22.63
C LYS C 233 4.10 11.58 22.29
N LEU C 234 3.85 10.91 21.17
CA LEU C 234 2.47 10.47 20.93
C LEU C 234 2.02 9.52 22.03
N ILE C 235 2.93 8.67 22.49
CA ILE C 235 2.60 7.65 23.49
C ILE C 235 2.33 8.27 24.84
N LEU C 236 3.25 9.10 25.34
CA LEU C 236 3.11 9.64 26.69
C LEU C 236 1.87 10.51 26.78
N ARG C 237 1.59 11.25 25.73
CA ARG C 237 0.41 12.10 25.64
C ARG C 237 -0.85 11.31 25.91
N LEU C 238 -0.85 10.01 25.61
CA LEU C 238 -1.98 9.13 25.88
C LEU C 238 -1.83 8.43 27.23
N VAL C 239 -0.76 7.64 27.40
CA VAL C 239 -0.60 6.81 28.58
C VAL C 239 0.06 7.55 29.73
N GLY C 240 0.41 8.82 29.56
CA GLY C 240 1.01 9.61 30.62
C GLY C 240 2.51 9.40 30.73
N THR C 241 3.10 10.21 31.57
CA THR C 241 4.53 10.30 31.83
C THR C 241 4.93 9.37 32.98
N PRO C 242 6.11 8.73 32.88
CA PRO C 242 6.44 7.65 33.82
C PRO C 242 6.39 8.10 35.28
N GLY C 243 6.05 7.15 36.16
CA GLY C 243 6.02 7.40 37.58
C GLY C 243 7.34 7.11 38.26
N ALA C 244 7.40 7.44 39.56
CA ALA C 244 8.65 7.29 40.31
C ALA C 244 9.17 5.86 40.26
N GLU C 245 8.27 4.87 40.27
CA GLU C 245 8.73 3.47 40.30
C GLU C 245 9.18 3.01 38.92
N LEU C 246 8.52 3.46 37.85
CA LEU C 246 8.96 3.07 36.52
C LEU C 246 10.30 3.71 36.20
N LEU C 247 10.54 4.93 36.69
CA LEU C 247 11.83 5.58 36.50
C LEU C 247 12.91 4.88 37.33
N LYS C 248 12.54 4.39 38.51
CA LYS C 248 13.46 3.56 39.28
C LYS C 248 13.93 2.33 38.53
N LYS C 249 13.13 1.81 37.60
CA LYS C 249 13.43 0.53 36.97
C LYS C 249 14.17 0.65 35.65
N ILE C 250 14.49 1.86 35.20
CA ILE C 250 15.26 2.02 33.98
C ILE C 250 16.72 1.77 34.30
N SER C 251 17.29 0.74 33.67
CA SER C 251 18.66 0.35 33.94
C SER C 251 19.64 1.31 33.26
N SER C 252 19.40 1.62 31.99
CA SER C 252 20.32 2.49 31.25
C SER C 252 20.17 3.92 31.76
N GLU C 253 21.25 4.47 32.31
CA GLU C 253 21.17 5.71 33.08
C GLU C 253 20.93 6.93 32.20
N SER C 254 21.26 6.87 30.91
CA SER C 254 21.05 8.03 30.04
C SER C 254 19.57 8.33 29.85
N ALA C 255 18.78 7.30 29.50
CA ALA C 255 17.35 7.50 29.31
C ALA C 255 16.67 7.99 30.58
N ARG C 256 17.33 7.86 31.72
CA ARG C 256 16.74 8.24 33.00
C ARG C 256 16.55 9.74 33.08
N ASN C 257 17.64 10.49 32.90
CA ASN C 257 17.60 11.94 32.82
C ASN C 257 17.27 12.44 31.43
N TYR C 258 17.12 11.53 30.45
CA TYR C 258 16.69 11.95 29.12
C TYR C 258 15.32 12.61 29.19
N ILE C 259 14.61 12.40 30.29
CA ILE C 259 13.33 13.07 30.55
C ILE C 259 13.49 14.58 30.64
N GLN C 260 14.58 15.08 31.23
CA GLN C 260 14.65 16.50 31.55
C GLN C 260 14.24 17.35 30.36
N SER C 261 14.63 16.92 29.15
CA SER C 261 14.20 17.62 27.94
C SER C 261 12.69 17.77 27.89
N LEU C 262 11.96 16.80 28.43
CA LEU C 262 10.51 16.74 28.32
C LEU C 262 9.89 16.77 29.71
N THR C 263 8.58 17.00 29.75
CA THR C 263 7.88 17.32 30.99
C THR C 263 6.55 16.59 31.02
N GLN C 264 5.67 16.98 31.95
CA GLN C 264 4.46 16.22 32.22
C GLN C 264 3.37 16.42 31.17
N MET C 265 2.69 15.32 30.87
CA MET C 265 1.31 15.24 30.45
C MET C 265 0.68 14.14 31.30
N PRO C 266 -0.51 14.34 31.85
CA PRO C 266 -1.13 13.25 32.62
C PRO C 266 -1.56 12.11 31.70
N LYS C 267 -1.68 10.92 32.27
CA LYS C 267 -2.36 9.88 31.52
C LYS C 267 -3.84 10.23 31.46
N MET C 268 -4.42 10.11 30.28
CA MET C 268 -5.78 10.54 30.01
C MET C 268 -6.69 9.34 29.86
N ASN C 269 -7.97 9.63 29.65
CA ASN C 269 -9.03 8.64 29.57
C ASN C 269 -9.23 8.14 28.14
N PHE C 270 -9.13 6.82 27.94
CA PHE C 270 -9.27 6.28 26.60
C PHE C 270 -10.72 6.32 26.12
N ALA C 271 -11.69 6.29 27.04
CA ALA C 271 -13.09 6.25 26.64
C ALA C 271 -13.42 7.35 25.64
N ASN C 272 -12.79 8.52 25.78
CA ASN C 272 -12.99 9.58 24.81
C ASN C 272 -12.06 9.45 23.62
N VAL C 273 -11.01 8.64 23.74
CA VAL C 273 -10.12 8.39 22.61
C VAL C 273 -10.73 7.35 21.70
N PHE C 274 -11.35 6.33 22.29
CA PHE C 274 -12.07 5.29 21.55
C PHE C 274 -13.52 5.43 22.00
N ILE C 275 -14.36 6.12 21.23
CA ILE C 275 -15.75 6.33 21.62
C ILE C 275 -16.64 5.78 20.53
N GLY C 276 -17.76 5.19 20.94
CA GLY C 276 -18.48 4.26 20.11
C GLY C 276 -17.92 2.86 20.17
N ALA C 277 -16.72 2.71 20.74
CA ALA C 277 -16.09 1.41 20.90
C ALA C 277 -16.74 0.64 22.05
N ASN C 278 -16.66 -0.67 21.96
CA ASN C 278 -17.13 -1.56 23.01
C ASN C 278 -16.43 -1.23 24.34
N PRO C 279 -17.17 -1.00 25.44
CA PRO C 279 -16.49 -0.60 26.69
C PRO C 279 -15.39 -1.55 27.20
N LEU C 280 -15.67 -2.86 27.20
CA LEU C 280 -14.71 -3.91 27.58
C LEU C 280 -13.50 -3.91 26.65
N ALA C 281 -13.70 -3.62 25.36
CA ALA C 281 -12.57 -3.44 24.44
C ALA C 281 -11.68 -2.30 24.93
N VAL C 282 -12.29 -1.14 25.21
CA VAL C 282 -11.52 -0.04 25.79
C VAL C 282 -10.88 -0.47 27.10
N ASP C 283 -11.62 -1.22 27.92
CA ASP C 283 -11.05 -1.74 29.16
C ASP C 283 -9.79 -2.53 28.88
N LEU C 284 -9.86 -3.44 27.91
CA LEU C 284 -8.73 -4.32 27.63
C LEU C 284 -7.52 -3.53 27.11
N LEU C 285 -7.75 -2.44 26.39
CA LEU C 285 -6.65 -1.60 25.92
C LEU C 285 -6.01 -0.79 27.04
N GLU C 286 -6.82 -0.27 27.98
CA GLU C 286 -6.25 0.31 29.19
C GLU C 286 -5.20 -0.60 29.80
N LYS C 287 -5.48 -1.91 29.83
CA LYS C 287 -4.60 -2.87 30.46
C LYS C 287 -3.44 -3.31 29.58
N MET C 288 -3.58 -3.24 28.25
CA MET C 288 -2.47 -3.64 27.39
C MET C 288 -1.47 -2.52 27.17
N LEU C 289 -1.93 -1.27 27.14
CA LEU C 289 -1.06 -0.14 26.82
C LEU C 289 -0.50 0.53 28.06
N VAL C 290 -0.61 -0.10 29.23
CA VAL C 290 0.08 0.39 30.42
C VAL C 290 1.56 0.56 30.09
N LEU C 291 2.16 1.62 30.63
CA LEU C 291 3.54 1.96 30.25
C LEU C 291 4.55 1.07 30.98
N ASP C 292 4.33 0.79 32.26
CA ASP C 292 5.22 -0.10 32.99
C ASP C 292 4.92 -1.54 32.58
N SER C 293 5.91 -2.20 31.99
CA SER C 293 5.69 -3.56 31.49
C SER C 293 5.33 -4.52 32.62
N ASP C 294 5.78 -4.23 33.84
CA ASP C 294 5.47 -5.11 34.97
C ASP C 294 3.97 -5.18 35.22
N LYS C 295 3.27 -4.05 35.08
CA LYS C 295 1.84 -3.99 35.36
C LYS C 295 1.01 -4.26 34.11
N ARG C 296 1.67 -4.48 32.98
CA ARG C 296 1.00 -4.74 31.71
C ARG C 296 0.47 -6.16 31.70
N ILE C 297 -0.74 -6.33 31.14
CA ILE C 297 -1.40 -7.63 31.22
C ILE C 297 -0.69 -8.64 30.30
N THR C 298 -0.93 -9.91 30.57
CA THR C 298 -0.35 -10.99 29.78
C THR C 298 -1.40 -11.55 28.83
N ALA C 299 -0.96 -12.47 27.96
CA ALA C 299 -1.88 -13.11 27.03
C ALA C 299 -2.85 -14.03 27.76
N ALA C 300 -2.33 -14.94 28.58
CA ALA C 300 -3.19 -15.86 29.32
C ALA C 300 -4.24 -15.12 30.12
N GLN C 301 -3.86 -14.02 30.77
CA GLN C 301 -4.82 -13.22 31.53
C GLN C 301 -5.80 -12.49 30.62
N ALA C 302 -5.36 -12.12 29.41
CA ALA C 302 -6.24 -11.42 28.49
C ALA C 302 -7.32 -12.35 27.93
N LEU C 303 -6.96 -13.60 27.62
CA LEU C 303 -7.93 -14.54 27.07
C LEU C 303 -9.11 -14.74 28.02
N ALA C 304 -8.88 -14.64 29.32
CA ALA C 304 -9.95 -14.77 30.29
C ALA C 304 -10.75 -13.48 30.47
N HIS C 305 -10.42 -12.44 29.72
CA HIS C 305 -11.09 -11.16 29.86
C HIS C 305 -12.52 -11.24 29.32
N ALA C 306 -13.39 -10.39 29.86
CA ALA C 306 -14.81 -10.46 29.52
C ALA C 306 -15.04 -10.22 28.03
N TYR C 307 -14.30 -9.29 27.43
CA TYR C 307 -14.47 -8.98 26.02
C TYR C 307 -14.40 -10.23 25.15
N PHE C 308 -13.72 -11.28 25.61
CA PHE C 308 -13.59 -12.52 24.85
C PHE C 308 -14.50 -13.63 25.39
N ALA C 309 -15.48 -13.31 26.22
CA ALA C 309 -16.27 -14.34 26.91
C ALA C 309 -16.75 -15.42 25.94
N GLN C 310 -17.27 -15.00 24.78
CA GLN C 310 -17.85 -15.97 23.86
C GLN C 310 -16.77 -16.94 23.37
N TYR C 311 -15.56 -16.44 23.11
CA TYR C 311 -14.56 -17.27 22.46
C TYR C 311 -13.66 -18.00 23.45
N HIS C 312 -13.59 -17.54 24.70
CA HIS C 312 -12.63 -18.06 25.65
C HIS C 312 -12.92 -19.50 26.04
N ASP C 313 -11.92 -20.37 25.90
CA ASP C 313 -11.99 -21.76 26.35
C ASP C 313 -10.65 -22.15 26.95
N PRO C 314 -10.49 -22.08 28.27
CA PRO C 314 -9.17 -22.34 28.88
C PRO C 314 -8.53 -23.66 28.51
N ASP C 315 -9.34 -24.71 28.28
CA ASP C 315 -8.78 -26.03 27.99
C ASP C 315 -8.42 -26.22 26.53
N ASP C 316 -8.89 -25.35 25.64
CA ASP C 316 -8.55 -25.42 24.22
C ASP C 316 -7.52 -24.37 23.84
N GLU C 317 -6.85 -23.77 24.80
CA GLU C 317 -5.86 -22.73 24.58
C GLU C 317 -4.48 -23.28 24.92
N PRO C 318 -3.91 -24.15 24.09
CA PRO C 318 -2.74 -24.91 24.52
C PRO C 318 -1.48 -24.06 24.63
N VAL C 319 -0.49 -24.64 25.31
CA VAL C 319 0.84 -24.05 25.43
C VAL C 319 1.85 -24.96 24.74
N ALA C 320 3.13 -24.66 24.87
CA ALA C 320 4.18 -25.29 24.08
C ALA C 320 4.95 -26.35 24.85
N ASP C 321 5.40 -27.35 24.13
CA ASP C 321 6.44 -28.21 24.65
C ASP C 321 7.65 -27.34 25.00
N PRO C 322 8.32 -27.60 26.12
CA PRO C 322 9.52 -26.80 26.44
C PRO C 322 10.50 -26.75 25.28
N TYR C 323 11.13 -25.59 25.11
CA TYR C 323 12.00 -25.32 23.98
C TYR C 323 13.40 -25.02 24.49
N ASP C 324 14.37 -25.84 24.09
CA ASP C 324 15.73 -25.76 24.58
C ASP C 324 16.49 -24.73 23.74
N GLN C 325 16.81 -23.60 24.37
CA GLN C 325 17.50 -22.51 23.69
C GLN C 325 18.98 -22.50 24.02
N SER C 326 19.45 -23.49 24.76
CA SER C 326 20.80 -23.46 25.32
C SER C 326 21.86 -23.08 24.29
N PHE C 327 21.57 -23.33 23.00
CA PHE C 327 22.56 -23.05 21.97
C PHE C 327 22.98 -21.58 21.95
N GLU C 328 22.06 -20.66 22.30
CA GLU C 328 22.41 -19.25 22.24
C GLU C 328 23.51 -18.87 23.23
N SER C 329 23.76 -19.72 24.24
CA SER C 329 24.90 -19.47 25.10
C SER C 329 26.20 -19.87 24.44
N ARG C 330 26.13 -20.77 23.47
CA ARG C 330 27.32 -21.21 22.76
C ARG C 330 27.72 -20.12 21.77
N ASP C 331 29.01 -19.83 21.70
CA ASP C 331 29.57 -19.06 20.61
C ASP C 331 30.46 -20.00 19.82
N LEU C 332 30.09 -20.26 18.57
CA LEU C 332 30.70 -21.32 17.79
C LEU C 332 31.26 -20.74 16.50
N LEU C 333 32.11 -21.52 15.85
CA LEU C 333 32.63 -21.10 14.56
C LEU C 333 31.53 -21.20 13.51
N ILE C 334 31.75 -20.52 12.39
CA ILE C 334 30.78 -20.56 11.30
C ILE C 334 30.45 -22.00 10.96
N ASP C 335 31.47 -22.79 10.63
CA ASP C 335 31.23 -24.18 10.20
C ASP C 335 30.51 -24.99 11.26
N GLU C 336 30.67 -24.65 12.54
CA GLU C 336 29.89 -25.32 13.57
C GLU C 336 28.41 -25.00 13.47
N TRP C 337 28.05 -23.72 13.40
CA TRP C 337 26.64 -23.38 13.21
C TRP C 337 26.11 -23.97 11.91
N LYS C 338 26.94 -23.95 10.85
CA LYS C 338 26.54 -24.51 9.57
C LYS C 338 26.18 -25.98 9.71
N SER C 339 27.03 -26.76 10.38
CA SER C 339 26.74 -28.18 10.60
C SER C 339 25.48 -28.36 11.43
N LEU C 340 25.38 -27.65 12.55
CA LEU C 340 24.18 -27.75 13.38
C LEU C 340 22.93 -27.42 12.58
N THR C 341 23.03 -26.44 11.69
CA THR C 341 21.90 -26.11 10.83
C THR C 341 21.66 -27.23 9.82
N TYR C 342 22.73 -27.83 9.31
CA TYR C 342 22.60 -28.94 8.37
C TYR C 342 21.90 -30.13 9.04
N ASP C 343 22.27 -30.41 10.29
CA ASP C 343 21.61 -31.47 11.05
C ASP C 343 20.10 -31.28 11.06
N GLU C 344 19.65 -30.06 11.37
CA GLU C 344 18.21 -29.79 11.47
C GLU C 344 17.52 -29.94 10.12
N VAL C 345 18.21 -29.67 9.02
CA VAL C 345 17.63 -29.89 7.70
C VAL C 345 17.47 -31.37 7.43
N ILE C 346 18.47 -32.18 7.79
CA ILE C 346 18.39 -33.62 7.59
C ILE C 346 17.33 -34.24 8.51
N SER C 347 17.20 -33.72 9.73
CA SER C 347 16.35 -34.34 10.74
C SER C 347 14.90 -33.88 10.68
N PHE C 348 14.54 -33.03 9.73
CA PHE C 348 13.18 -32.52 9.65
C PHE C 348 12.19 -33.65 9.39
N VAL C 349 11.10 -33.67 10.14
CA VAL C 349 10.02 -34.63 9.98
C VAL C 349 8.84 -33.91 9.33
N PRO C 350 8.40 -34.30 8.16
CA PRO C 350 7.30 -33.59 7.56
C PRO C 350 6.06 -33.81 8.35
N PRO C 351 5.17 -32.83 8.45
CA PRO C 351 3.94 -33.03 9.21
C PRO C 351 2.84 -33.75 8.45
N PRO C 352 1.96 -34.44 9.25
CA PRO C 352 0.88 -35.13 8.53
C PRO C 352 -0.16 -34.18 7.98
N LEU C 353 -0.67 -34.53 6.80
CA LEU C 353 -1.66 -33.71 6.13
C LEU C 353 -2.94 -33.71 6.89
N ASP C 354 -3.94 -33.08 6.31
CA ASP C 354 -5.22 -32.87 6.96
C ASP C 354 -5.06 -31.81 8.04
N GLY D 1 -13.41 -25.88 12.36
CA GLY D 1 -12.68 -24.60 12.61
C GLY D 1 -12.81 -24.14 14.05
N LEU D 2 -12.05 -23.11 14.41
CA LEU D 2 -12.05 -22.65 15.80
C LEU D 2 -13.42 -22.11 16.20
N LEU D 3 -14.11 -21.43 15.28
CA LEU D 3 -15.49 -21.00 15.55
C LEU D 3 -16.41 -22.19 15.77
N GLU D 4 -16.26 -23.24 14.94
CA GLU D 4 -17.06 -24.45 15.12
C GLU D 4 -16.97 -24.96 16.54
N ARG D 5 -15.75 -25.08 17.07
CA ARG D 5 -15.57 -25.67 18.39
C ARG D 5 -16.09 -24.78 19.50
N ARG D 6 -16.23 -23.47 19.26
CA ARG D 6 -16.76 -22.54 20.25
C ARG D 6 -18.26 -22.30 20.06
N GLY D 7 -18.90 -23.01 19.13
CA GLY D 7 -20.32 -22.83 18.85
C GLY D 7 -20.73 -21.40 18.54
N VAL D 8 -20.07 -20.78 17.57
CA VAL D 8 -20.38 -19.43 17.13
C VAL D 8 -20.64 -19.47 15.62
N SER D 9 -21.71 -18.79 15.19
CA SER D 9 -22.01 -18.73 13.76
C SER D 9 -20.88 -18.07 13.00
N GLU D 10 -20.69 -18.48 11.75
CA GLU D 10 -19.64 -17.86 10.95
C GLU D 10 -19.94 -16.38 10.72
N LEU D 11 -18.87 -15.59 10.78
CA LEU D 11 -18.95 -14.17 10.55
C LEU D 11 -19.19 -13.91 9.07
N PRO D 12 -19.57 -12.69 8.69
CA PRO D 12 -19.64 -12.36 7.27
C PRO D 12 -18.28 -12.56 6.62
N PRO D 13 -18.22 -13.15 5.43
CA PRO D 13 -16.91 -13.44 4.83
C PRO D 13 -16.09 -12.18 4.65
N LEU D 14 -14.78 -12.34 4.79
CA LEU D 14 -13.84 -11.27 4.49
C LEU D 14 -13.51 -11.37 3.01
N TYR D 15 -13.65 -10.26 2.30
CA TYR D 15 -13.26 -10.23 0.90
C TYR D 15 -11.75 -10.16 0.80
N ILE D 16 -11.18 -11.03 -0.01
CA ILE D 16 -9.74 -11.25 -0.08
C ILE D 16 -9.10 -11.08 1.30
#